data_3EDK
#
_entry.id   3EDK
#
_cell.length_a   106.137
_cell.length_b   110.792
_cell.length_c   106.398
_cell.angle_alpha   90.000
_cell.angle_beta   90.000
_cell.angle_gamma   90.000
#
_symmetry.space_group_name_H-M   'P 21 21 2'
#
loop_
_entity.id
_entity.type
_entity.pdbx_description
1 polymer Cyclomaltodextrinase
2 branched Cyclooctakis-(1-4)-(alpha-D-glucopyranose)
3 non-polymer 'CALCIUM ION'
4 non-polymer GLYCEROL
5 water water
#
_entity_poly.entity_id   1
_entity_poly.type   'polypeptide(L)'
_entity_poly.pdbx_seq_one_letter_code
;AAPTAIEHMEPPFWWAGMQHKGLQLMVHGRDIGRMEAALDYPGVRLVSPTRVPNANYLFVDLEIGPEAQPGSFDIVFKGD
GRSERYRYRLLAREQGSAQRQGFGPGDAIYQIMPDRFANGDPSNDNVAGMREQADRRHGGGRHGGDIRGTIDHLDYIAGL
GFTQLWPTPLVENDAAAYSYHGYAATDHYRIDPRYGSNEDFVRLSTEARKRGMGLIQDVVLSHIGKHHWWMKDLPTPDWI
NYGGKFVPTQHHRVAVQDPYAAQADSENFTKGWFVEGMPDLNQTNPLVANYLIQNNIWWIEYAGLSGLRIDTYGYSDGAF
LTEYTRRLMAEYPRLNMVGQEWSTRVPVVARWQRGKANFDGYTSHLPSLMDFPLVDAMRNALSKTGEENGLNEVYETLSL
DYLYPEPQNLVLFGGNHDMARMFSAAGEDFDRWRMNLVFLMTMPRIPQFYSGDEILMTSTVKGRDDASYRRDFPGGWAGD
KANAFSGAGLTSQQRAAQDLVRKLANWRKNQPVIHNGRLMHFGPEENTWVYFRYNKDKRIMVAMNNNDKPMTLPTARFQE
MLKGAPSGVDFLSGKTVGLGRELRLAPKSVVVIELPGLPEA
;
_entity_poly.pdbx_strand_id   A,B
#
# COMPACT_ATOMS: atom_id res chain seq x y z
N PRO A 3 -35.98 -41.92 0.49
CA PRO A 3 -36.47 -40.56 0.74
C PRO A 3 -37.91 -40.32 0.21
N THR A 4 -38.56 -39.28 0.75
CA THR A 4 -40.00 -39.01 0.59
C THR A 4 -40.28 -37.75 -0.26
N ALA A 5 -41.32 -37.83 -1.10
CA ALA A 5 -41.95 -36.68 -1.75
C ALA A 5 -40.95 -35.62 -2.26
N ILE A 6 -41.28 -34.36 -2.02
CA ILE A 6 -40.36 -33.25 -2.21
C ILE A 6 -39.83 -32.83 -0.84
N GLU A 7 -38.53 -33.04 -0.66
CA GLU A 7 -37.88 -32.79 0.61
C GLU A 7 -37.43 -31.32 0.76
N HIS A 8 -36.88 -30.76 -0.33
CA HIS A 8 -36.55 -29.33 -0.32
C HIS A 8 -37.03 -28.67 -1.61
N MET A 9 -37.60 -27.47 -1.47
CA MET A 9 -37.91 -26.61 -2.62
C MET A 9 -37.31 -25.23 -2.35
N GLU A 10 -36.35 -24.84 -3.20
CA GLU A 10 -35.51 -23.66 -2.94
C GLU A 10 -35.29 -22.76 -4.15
N PRO A 11 -35.63 -21.46 -4.03
CA PRO A 11 -36.29 -20.83 -2.91
C PRO A 11 -37.76 -21.33 -2.75
N PRO A 12 -38.29 -21.30 -1.52
CA PRO A 12 -39.60 -21.93 -1.23
C PRO A 12 -40.80 -21.14 -1.75
N PHE A 13 -40.56 -19.85 -2.02
CA PHE A 13 -41.53 -18.94 -2.60
C PHE A 13 -40.72 -17.79 -3.16
N TRP A 14 -41.40 -16.91 -3.91
CA TRP A 14 -40.70 -15.76 -4.52
C TRP A 14 -41.63 -14.54 -4.55
N TRP A 15 -41.29 -13.54 -5.38
CA TRP A 15 -42.06 -12.32 -5.47
C TRP A 15 -42.36 -11.97 -6.92
N ALA A 16 -43.53 -11.39 -7.09
CA ALA A 16 -43.88 -10.70 -8.32
C ALA A 16 -43.09 -9.38 -8.35
N GLY A 17 -42.70 -8.96 -9.54
CA GLY A 17 -42.11 -7.64 -9.72
C GLY A 17 -40.65 -7.45 -9.28
N MET A 18 -39.87 -8.53 -9.32
CA MET A 18 -38.42 -8.41 -9.10
C MET A 18 -37.75 -7.84 -10.36
N GLN A 19 -36.51 -7.36 -10.20
CA GLN A 19 -35.78 -6.78 -11.31
C GLN A 19 -35.41 -7.87 -12.31
N HIS A 20 -34.83 -8.97 -11.82
CA HIS A 20 -34.44 -10.07 -12.69
C HIS A 20 -35.64 -10.99 -12.87
N LYS A 21 -35.98 -11.29 -14.12
CA LYS A 21 -37.21 -12.08 -14.37
C LYS A 21 -37.04 -13.56 -14.06
N GLY A 22 -35.84 -14.10 -14.31
CA GLY A 22 -35.59 -15.54 -14.14
C GLY A 22 -35.64 -15.99 -12.68
N LEU A 23 -36.19 -17.18 -12.48
CA LEU A 23 -36.16 -17.85 -11.18
C LEU A 23 -35.83 -19.32 -11.44
N GLN A 24 -34.79 -19.82 -10.77
CA GLN A 24 -34.38 -21.22 -10.91
C GLN A 24 -34.66 -21.95 -9.61
N LEU A 25 -35.62 -22.86 -9.66
CA LEU A 25 -35.98 -23.65 -8.49
C LEU A 25 -35.10 -24.88 -8.41
N MET A 26 -34.52 -25.09 -7.23
CA MET A 26 -33.78 -26.30 -6.99
C MET A 26 -34.69 -27.20 -6.17
N VAL A 27 -35.09 -28.32 -6.77
CA VAL A 27 -36.07 -29.22 -6.15
C VAL A 27 -35.34 -30.50 -5.76
N HIS A 28 -35.56 -30.97 -4.55
CA HIS A 28 -34.86 -32.17 -4.05
C HIS A 28 -35.88 -33.15 -3.50
N GLY A 29 -35.74 -34.42 -3.89
CA GLY A 29 -36.57 -35.52 -3.38
C GLY A 29 -36.21 -36.77 -4.16
N ARG A 30 -36.53 -37.94 -3.61
CA ARG A 30 -36.21 -39.20 -4.28
C ARG A 30 -36.81 -39.27 -5.67
N ASP A 31 -35.92 -39.44 -6.66
CA ASP A 31 -36.27 -39.57 -8.09
C ASP A 31 -37.01 -38.39 -8.72
N ILE A 32 -36.88 -37.22 -8.10
CA ILE A 32 -37.54 -36.01 -8.62
C ILE A 32 -36.97 -35.63 -9.99
N GLY A 33 -35.68 -35.92 -10.21
CA GLY A 33 -35.02 -35.74 -11.50
C GLY A 33 -35.58 -36.61 -12.62
N ARG A 34 -36.22 -37.71 -12.25
CA ARG A 34 -36.86 -38.61 -13.23
C ARG A 34 -38.22 -38.06 -13.69
N MET A 35 -38.59 -36.89 -13.19
CA MET A 35 -39.91 -36.32 -13.44
C MET A 35 -39.86 -35.14 -14.39
N GLU A 36 -41.05 -34.77 -14.88
CA GLU A 36 -41.24 -33.61 -15.75
C GLU A 36 -42.17 -32.62 -15.05
N ALA A 37 -41.74 -31.36 -14.95
CA ALA A 37 -42.55 -30.33 -14.32
C ALA A 37 -43.53 -29.67 -15.29
N ALA A 38 -44.60 -29.11 -14.74
CA ALA A 38 -45.63 -28.38 -15.49
C ALA A 38 -46.33 -27.39 -14.57
N LEU A 39 -46.76 -26.26 -15.13
CA LEU A 39 -47.49 -25.23 -14.37
C LEU A 39 -48.38 -24.38 -15.27
N ASP A 40 -49.32 -23.66 -14.68
CA ASP A 40 -50.19 -22.74 -15.42
C ASP A 40 -50.53 -21.52 -14.60
N TYR A 41 -49.84 -20.40 -14.88
CA TYR A 41 -50.07 -19.15 -14.19
C TYR A 41 -49.70 -18.00 -15.13
N PRO A 42 -50.63 -17.04 -15.32
CA PRO A 42 -50.37 -15.96 -16.29
C PRO A 42 -49.09 -15.21 -15.92
N GLY A 43 -48.21 -15.05 -16.90
CA GLY A 43 -46.99 -14.26 -16.69
C GLY A 43 -45.79 -15.11 -16.29
N VAL A 44 -46.04 -16.33 -15.84
CA VAL A 44 -44.94 -17.26 -15.52
C VAL A 44 -44.77 -18.24 -16.65
N ARG A 45 -43.56 -18.31 -17.19
CA ARG A 45 -43.19 -19.29 -18.21
C ARG A 45 -42.18 -20.33 -17.72
N LEU A 46 -42.54 -21.60 -17.92
CA LEU A 46 -41.65 -22.74 -17.63
C LEU A 46 -40.72 -22.98 -18.81
N VAL A 47 -39.41 -22.80 -18.61
CA VAL A 47 -38.43 -22.85 -19.69
C VAL A 47 -38.24 -24.24 -20.33
N SER A 48 -38.10 -25.29 -19.51
CA SER A 48 -37.98 -26.68 -20.01
C SER A 48 -36.60 -27.23 -19.68
N PRO A 49 -36.58 -28.44 -19.10
CA PRO A 49 -35.46 -29.02 -18.37
C PRO A 49 -34.09 -29.00 -19.05
N THR A 50 -33.07 -28.72 -18.25
CA THR A 50 -31.72 -29.15 -18.54
C THR A 50 -31.41 -30.11 -17.40
N ARG A 51 -31.42 -31.41 -17.71
CA ARG A 51 -31.31 -32.45 -16.69
C ARG A 51 -29.92 -32.49 -16.04
N VAL A 52 -29.87 -32.96 -14.79
CA VAL A 52 -28.62 -33.32 -14.12
C VAL A 52 -28.62 -34.84 -13.89
N PRO A 53 -27.44 -35.49 -14.00
CA PRO A 53 -27.32 -36.94 -13.76
C PRO A 53 -27.95 -37.47 -12.45
N ASN A 54 -27.93 -36.68 -11.37
CA ASN A 54 -28.50 -37.10 -10.10
C ASN A 54 -30.02 -37.11 -10.17
N ALA A 55 -30.59 -38.31 -10.04
CA ALA A 55 -32.04 -38.51 -10.10
C ALA A 55 -32.78 -37.90 -8.91
N ASN A 56 -32.05 -37.44 -7.90
CA ASN A 56 -32.70 -36.86 -6.72
C ASN A 56 -32.83 -35.33 -6.70
N TYR A 57 -32.41 -34.70 -7.78
CA TYR A 57 -32.54 -33.24 -7.91
C TYR A 57 -33.10 -32.87 -9.26
N LEU A 58 -33.92 -31.83 -9.27
CA LEU A 58 -34.45 -31.26 -10.50
C LEU A 58 -34.34 -29.75 -10.40
N PHE A 59 -33.77 -29.13 -11.43
CA PHE A 59 -33.74 -27.69 -11.51
C PHE A 59 -34.83 -27.24 -12.48
N VAL A 60 -35.72 -26.38 -11.99
CA VAL A 60 -36.81 -25.87 -12.80
C VAL A 60 -36.58 -24.40 -13.13
N ASP A 61 -36.45 -24.09 -14.42
CA ASP A 61 -36.20 -22.72 -14.87
C ASP A 61 -37.49 -21.98 -15.23
N LEU A 62 -37.81 -20.96 -14.44
CA LEU A 62 -39.00 -20.11 -14.64
C LEU A 62 -38.59 -18.74 -15.15
N GLU A 63 -39.43 -18.12 -15.98
CA GLU A 63 -39.27 -16.72 -16.27
C GLU A 63 -40.55 -16.04 -15.82
N ILE A 64 -40.41 -15.16 -14.83
CA ILE A 64 -41.55 -14.50 -14.23
C ILE A 64 -41.63 -13.12 -14.88
N GLY A 65 -42.56 -12.98 -15.82
CA GLY A 65 -42.73 -11.73 -16.57
C GLY A 65 -43.24 -10.61 -15.71
N PRO A 66 -43.05 -9.35 -16.16
CA PRO A 66 -43.51 -8.20 -15.40
C PRO A 66 -45.04 -8.20 -15.27
N GLU A 67 -45.70 -8.98 -16.12
CA GLU A 67 -47.15 -9.11 -16.09
C GLU A 67 -47.66 -10.10 -15.02
N ALA A 68 -46.77 -10.94 -14.50
CA ALA A 68 -47.13 -11.86 -13.41
C ALA A 68 -47.56 -11.12 -12.15
N GLN A 69 -48.72 -11.50 -11.62
CA GLN A 69 -49.31 -10.88 -10.45
C GLN A 69 -49.04 -11.71 -9.18
N PRO A 70 -49.11 -11.07 -7.99
CA PRO A 70 -49.02 -11.90 -6.78
C PRO A 70 -50.08 -13.01 -6.78
N GLY A 71 -49.72 -14.17 -6.27
CA GLY A 71 -50.66 -15.26 -6.16
C GLY A 71 -49.92 -16.54 -5.91
N SER A 72 -50.59 -17.66 -6.18
CA SER A 72 -49.97 -18.96 -6.01
C SER A 72 -50.42 -19.87 -7.11
N PHE A 73 -49.64 -20.91 -7.36
CA PHE A 73 -49.91 -21.83 -8.44
C PHE A 73 -49.19 -23.15 -8.20
N ASP A 74 -49.78 -24.24 -8.72
CA ASP A 74 -49.18 -25.56 -8.58
C ASP A 74 -48.11 -25.84 -9.61
N ILE A 75 -46.99 -26.33 -9.11
CA ILE A 75 -46.01 -26.95 -9.97
C ILE A 75 -46.22 -28.46 -9.84
N VAL A 76 -46.47 -29.11 -10.97
CA VAL A 76 -46.78 -30.54 -10.95
C VAL A 76 -45.67 -31.34 -11.63
N PHE A 77 -45.15 -32.33 -10.92
CA PHE A 77 -44.06 -33.15 -11.43
C PHE A 77 -44.62 -34.53 -11.74
N LYS A 78 -44.39 -34.99 -12.97
CA LYS A 78 -44.91 -36.27 -13.43
C LYS A 78 -43.86 -37.19 -14.03
N GLY A 79 -43.98 -38.48 -13.72
CA GLY A 79 -43.06 -39.49 -14.22
C GLY A 79 -43.22 -40.81 -13.49
N ASP A 80 -42.95 -41.90 -14.22
CA ASP A 80 -43.02 -43.26 -13.67
C ASP A 80 -44.34 -43.57 -12.99
N GLY A 81 -45.44 -43.21 -13.65
CA GLY A 81 -46.79 -43.48 -13.15
C GLY A 81 -47.20 -42.72 -11.90
N ARG A 82 -46.24 -42.07 -11.25
CA ARG A 82 -46.55 -41.20 -10.12
C ARG A 82 -46.46 -39.72 -10.49
N SER A 83 -46.98 -38.86 -9.61
CA SER A 83 -46.97 -37.43 -9.83
C SER A 83 -46.88 -36.69 -8.50
N GLU A 84 -46.04 -35.67 -8.44
CA GLU A 84 -45.88 -34.86 -7.23
C GLU A 84 -46.31 -33.40 -7.49
N ARG A 85 -46.58 -32.67 -6.41
CA ARG A 85 -47.11 -31.30 -6.48
C ARG A 85 -46.49 -30.36 -5.41
N TYR A 86 -46.30 -29.09 -5.78
CA TYR A 86 -45.86 -28.06 -4.81
C TYR A 86 -46.63 -26.77 -5.10
N ARG A 87 -47.23 -26.20 -4.07
CA ARG A 87 -47.94 -24.94 -4.20
C ARG A 87 -46.94 -23.78 -4.15
N TYR A 88 -46.71 -23.14 -5.29
CA TYR A 88 -45.72 -22.06 -5.37
C TYR A 88 -46.38 -20.68 -5.22
N ARG A 89 -45.84 -19.86 -4.30
CA ARG A 89 -46.42 -18.55 -4.03
C ARG A 89 -45.53 -17.43 -4.58
N LEU A 90 -46.15 -16.50 -5.28
CA LEU A 90 -45.46 -15.26 -5.65
C LEU A 90 -46.04 -14.16 -4.76
N LEU A 91 -45.25 -13.66 -3.83
CA LEU A 91 -45.72 -12.64 -2.91
C LEU A 91 -45.72 -11.28 -3.57
N ALA A 92 -46.54 -10.40 -3.04
CA ALA A 92 -46.52 -8.97 -3.34
C ALA A 92 -45.37 -8.36 -2.54
N ARG A 93 -44.62 -7.46 -3.18
CA ARG A 93 -43.55 -6.76 -2.51
C ARG A 93 -44.06 -5.62 -1.65
N GLU A 94 -43.47 -5.44 -0.47
CA GLU A 94 -43.74 -4.27 0.35
C GLU A 94 -43.47 -2.99 -0.44
N GLN A 95 -44.23 -1.94 -0.15
CA GLN A 95 -44.04 -0.65 -0.79
C GLN A 95 -42.65 -0.11 -0.48
N GLY A 96 -41.95 0.30 -1.53
CA GLY A 96 -40.61 0.87 -1.41
C GLY A 96 -39.49 -0.16 -1.26
N SER A 97 -39.84 -1.44 -1.41
CA SER A 97 -38.87 -2.53 -1.23
C SER A 97 -37.58 -2.36 -2.06
N ALA A 98 -37.74 -2.22 -3.38
CA ALA A 98 -36.56 -2.12 -4.26
C ALA A 98 -35.71 -0.89 -3.93
N GLN A 99 -36.36 0.19 -3.49
CA GLN A 99 -35.70 1.44 -3.16
C GLN A 99 -35.15 1.56 -1.73
N ARG A 100 -35.23 0.46 -0.97
CA ARG A 100 -34.81 0.48 0.43
C ARG A 100 -33.43 1.10 0.60
N GLN A 101 -33.29 1.95 1.60
CA GLN A 101 -32.02 2.62 1.84
C GLN A 101 -31.12 1.71 2.68
N GLY A 102 -29.95 1.38 2.12
CA GLY A 102 -28.95 0.58 2.85
C GLY A 102 -28.26 1.41 3.92
N PHE A 103 -27.54 0.75 4.81
CA PHE A 103 -26.76 1.47 5.80
C PHE A 103 -25.73 2.36 5.09
N GLY A 104 -25.47 3.50 5.70
CA GLY A 104 -24.49 4.46 5.19
C GLY A 104 -23.76 5.28 6.21
N PRO A 105 -23.06 6.34 5.73
CA PRO A 105 -22.28 7.22 6.60
C PRO A 105 -23.00 7.78 7.86
N GLY A 106 -24.31 7.98 7.81
CA GLY A 106 -25.07 8.49 8.96
C GLY A 106 -25.38 7.43 10.01
N ASP A 107 -25.14 6.16 9.66
CA ASP A 107 -25.42 5.01 10.56
C ASP A 107 -24.24 4.65 11.44
N ALA A 108 -24.53 3.91 12.51
CA ALA A 108 -23.51 3.26 13.29
C ALA A 108 -24.01 1.86 13.55
N ILE A 109 -23.13 0.89 13.32
CA ILE A 109 -23.52 -0.51 13.33
C ILE A 109 -23.05 -1.16 14.66
N TYR A 110 -23.97 -1.85 15.30
CA TYR A 110 -23.66 -2.66 16.50
C TYR A 110 -23.62 -4.11 16.08
N GLN A 111 -22.46 -4.76 16.35
CA GLN A 111 -22.28 -6.14 15.96
C GLN A 111 -22.44 -7.10 17.14
N ILE A 112 -23.22 -8.16 16.98
CA ILE A 112 -23.30 -9.21 18.01
C ILE A 112 -22.98 -10.58 17.41
N MET A 113 -22.63 -11.55 18.27
CA MET A 113 -22.74 -12.95 17.92
C MET A 113 -24.00 -13.45 18.66
N PRO A 114 -25.05 -13.84 17.91
CA PRO A 114 -26.37 -14.15 18.50
C PRO A 114 -26.29 -15.19 19.63
N ASP A 115 -25.41 -16.19 19.52
CA ASP A 115 -25.25 -17.16 20.63
C ASP A 115 -24.66 -16.57 21.93
N ARG A 116 -23.94 -15.43 21.83
CA ARG A 116 -23.17 -14.89 22.95
C ARG A 116 -23.74 -13.59 23.49
N PHE A 117 -24.87 -13.13 22.96
CA PHE A 117 -25.43 -11.84 23.38
C PHE A 117 -26.47 -11.99 24.52
N ALA A 118 -27.63 -12.57 24.20
CA ALA A 118 -28.70 -12.69 25.18
C ALA A 118 -29.55 -13.95 24.98
N ASN A 119 -29.67 -14.71 26.05
CA ASN A 119 -30.44 -15.94 26.06
C ASN A 119 -31.86 -15.64 26.58
N GLY A 120 -32.75 -15.32 25.65
CA GLY A 120 -34.09 -14.88 25.98
C GLY A 120 -34.96 -16.09 26.31
N ASP A 121 -34.52 -17.25 25.82
CA ASP A 121 -35.30 -18.48 25.99
C ASP A 121 -34.37 -19.66 26.21
N PRO A 122 -34.14 -20.04 27.49
CA PRO A 122 -33.29 -21.23 27.73
C PRO A 122 -33.80 -22.52 27.10
N SER A 123 -35.09 -22.59 26.79
CA SER A 123 -35.68 -23.85 26.32
C SER A 123 -35.23 -24.21 24.90
N ASN A 124 -34.73 -23.25 24.14
CA ASN A 124 -34.24 -23.58 22.80
C ASN A 124 -32.72 -23.77 22.76
N ASP A 125 -32.07 -23.73 23.91
CA ASP A 125 -30.59 -23.90 23.98
C ASP A 125 -30.18 -25.22 23.31
N ASN A 126 -31.02 -26.25 23.51
CA ASN A 126 -30.93 -27.52 22.83
C ASN A 126 -32.22 -27.74 22.08
N VAL A 127 -32.10 -28.37 20.92
CA VAL A 127 -33.26 -28.71 20.14
C VAL A 127 -33.14 -30.18 19.78
N ALA A 128 -34.21 -30.92 20.07
CA ALA A 128 -34.24 -32.37 19.79
C ALA A 128 -33.79 -32.69 18.37
N GLY A 129 -32.85 -33.61 18.25
CA GLY A 129 -32.40 -34.06 16.94
C GLY A 129 -31.11 -33.45 16.45
N MET A 130 -30.76 -32.27 16.98
CA MET A 130 -29.54 -31.59 16.57
C MET A 130 -28.30 -32.20 17.19
N ARG A 131 -27.15 -31.91 16.58
CA ARG A 131 -25.89 -32.63 16.86
C ARG A 131 -25.07 -32.17 18.07
N GLU A 132 -25.25 -30.91 18.47
CA GLU A 132 -24.50 -30.37 19.59
C GLU A 132 -25.40 -30.03 20.76
N GLN A 133 -24.92 -30.41 21.94
CA GLN A 133 -25.55 -29.96 23.19
C GLN A 133 -24.90 -28.67 23.68
N ALA A 134 -25.71 -27.76 24.22
CA ALA A 134 -25.19 -26.49 24.73
C ALA A 134 -24.28 -26.71 25.94
N ASP A 135 -23.24 -25.90 26.02
CA ASP A 135 -22.34 -25.89 27.18
C ASP A 135 -21.80 -24.49 27.32
N ARG A 136 -22.41 -23.74 28.23
CA ARG A 136 -22.02 -22.37 28.52
C ARG A 136 -20.57 -22.26 29.03
N ARG A 137 -20.08 -23.33 29.66
CA ARG A 137 -18.72 -23.38 30.20
C ARG A 137 -17.63 -23.78 29.21
N HIS A 138 -18.03 -24.05 27.96
CA HIS A 138 -17.08 -24.36 26.91
C HIS A 138 -16.90 -23.11 26.05
N GLY A 139 -15.66 -22.67 25.90
CA GLY A 139 -15.33 -21.48 25.10
C GLY A 139 -15.71 -21.59 23.64
N GLY A 140 -15.67 -22.81 23.08
CA GLY A 140 -16.15 -23.08 21.73
C GLY A 140 -17.54 -23.70 21.63
N GLY A 141 -18.31 -23.65 22.71
CA GLY A 141 -19.60 -24.33 22.80
C GLY A 141 -20.74 -23.38 22.50
N ARG A 142 -21.97 -23.90 22.43
CA ARG A 142 -23.16 -23.04 22.38
C ARG A 142 -23.52 -22.59 23.80
N HIS A 143 -23.70 -21.28 23.97
CA HIS A 143 -24.04 -20.72 25.28
C HIS A 143 -25.53 -20.46 25.46
N GLY A 144 -26.22 -20.31 24.33
CA GLY A 144 -27.68 -20.28 24.31
C GLY A 144 -28.30 -18.95 23.91
N GLY A 145 -27.49 -18.02 23.44
CA GLY A 145 -28.05 -16.75 22.94
C GLY A 145 -29.03 -17.01 21.81
N ASP A 146 -30.06 -16.18 21.71
CA ASP A 146 -31.09 -16.40 20.70
C ASP A 146 -31.77 -15.12 20.25
N ILE A 147 -32.72 -15.25 19.31
CA ILE A 147 -33.43 -14.09 18.74
C ILE A 147 -34.30 -13.39 19.80
N ARG A 148 -34.99 -14.16 20.64
CA ARG A 148 -35.75 -13.57 21.74
C ARG A 148 -34.91 -12.65 22.64
N GLY A 149 -33.71 -13.11 23.01
CA GLY A 149 -32.79 -12.31 23.81
C GLY A 149 -32.34 -11.05 23.08
N THR A 150 -32.04 -11.18 21.78
CA THR A 150 -31.72 -10.00 20.99
C THR A 150 -32.89 -8.99 20.92
N ILE A 151 -34.09 -9.49 20.63
CA ILE A 151 -35.27 -8.62 20.61
C ILE A 151 -35.47 -7.92 21.95
N ASP A 152 -35.34 -8.67 23.05
CA ASP A 152 -35.45 -8.13 24.41
C ASP A 152 -34.58 -6.88 24.63
N HIS A 153 -33.46 -6.79 23.91
CA HIS A 153 -32.49 -5.75 24.20
C HIS A 153 -32.25 -4.75 23.06
N LEU A 154 -33.20 -4.70 22.14
CA LEU A 154 -33.12 -3.72 21.06
C LEU A 154 -33.18 -2.29 21.60
N ASP A 155 -33.97 -2.04 22.65
CA ASP A 155 -34.02 -0.72 23.26
C ASP A 155 -32.66 -0.29 23.78
N TYR A 156 -31.90 -1.24 24.32
CA TYR A 156 -30.56 -0.98 24.81
C TYR A 156 -29.65 -0.53 23.65
N ILE A 157 -29.70 -1.30 22.57
CA ILE A 157 -28.82 -1.04 21.40
C ILE A 157 -29.18 0.31 20.78
N ALA A 158 -30.47 0.53 20.59
CA ALA A 158 -30.92 1.85 20.06
C ALA A 158 -30.52 2.98 21.00
N GLY A 159 -30.68 2.74 22.32
CA GLY A 159 -30.33 3.74 23.34
C GLY A 159 -28.87 4.13 23.37
N LEU A 160 -28.00 3.21 22.93
CA LEU A 160 -26.58 3.46 22.85
C LEU A 160 -26.20 4.37 21.69
N GLY A 161 -27.13 4.55 20.74
CA GLY A 161 -26.89 5.43 19.59
C GLY A 161 -26.67 4.66 18.31
N PHE A 162 -26.85 3.35 18.34
CA PHE A 162 -26.67 2.53 17.13
C PHE A 162 -27.94 2.48 16.28
N THR A 163 -27.75 2.42 14.97
CA THR A 163 -28.87 2.51 14.01
C THR A 163 -28.93 1.29 13.09
N GLN A 164 -28.01 0.34 13.29
CA GLN A 164 -28.00 -0.91 12.51
C GLN A 164 -27.52 -2.02 13.44
N LEU A 165 -28.08 -3.22 13.24
CA LEU A 165 -27.67 -4.42 13.95
C LEU A 165 -27.10 -5.43 12.96
N TRP A 166 -25.88 -5.85 13.22
CA TRP A 166 -25.25 -6.91 12.43
C TRP A 166 -24.96 -8.12 13.32
N PRO A 167 -25.81 -9.15 13.23
CA PRO A 167 -25.46 -10.41 13.93
C PRO A 167 -24.68 -11.32 13.00
N THR A 168 -23.70 -12.02 13.57
CA THR A 168 -23.01 -13.09 12.84
C THR A 168 -24.08 -14.16 12.47
N PRO A 169 -23.80 -15.07 11.50
CA PRO A 169 -24.91 -15.81 10.83
C PRO A 169 -25.81 -16.57 11.78
N LEU A 170 -27.11 -16.50 11.52
CA LEU A 170 -28.10 -17.27 12.29
C LEU A 170 -28.61 -18.49 11.56
N VAL A 171 -28.19 -18.68 10.31
CA VAL A 171 -28.65 -19.85 9.53
C VAL A 171 -28.17 -21.15 10.17
N GLU A 172 -28.92 -22.22 9.95
CA GLU A 172 -28.68 -23.48 10.65
C GLU A 172 -27.21 -23.89 10.50
N ASN A 173 -26.60 -24.24 11.63
CA ASN A 173 -25.26 -24.84 11.65
C ASN A 173 -25.35 -26.11 12.50
N ASP A 174 -25.81 -27.20 11.91
CA ASP A 174 -26.06 -28.41 12.71
C ASP A 174 -24.79 -29.25 12.73
N ALA A 175 -23.78 -28.71 13.41
CA ALA A 175 -22.49 -29.40 13.53
C ALA A 175 -22.41 -30.07 14.89
N ALA A 176 -21.56 -31.09 15.02
CA ALA A 176 -21.35 -31.74 16.33
C ALA A 176 -20.52 -30.88 17.32
N ALA A 177 -19.74 -29.97 16.77
CA ALA A 177 -18.93 -29.06 17.55
C ALA A 177 -18.74 -27.76 16.77
N TYR A 178 -18.51 -26.70 17.53
CA TYR A 178 -18.27 -25.36 16.97
C TYR A 178 -19.43 -24.91 16.09
N SER A 179 -20.64 -25.40 16.38
CA SER A 179 -21.81 -24.87 15.68
C SER A 179 -22.13 -23.40 16.02
N TYR A 180 -21.71 -22.92 17.20
CA TYR A 180 -22.18 -21.63 17.71
C TYR A 180 -21.89 -20.43 16.78
N HIS A 181 -20.81 -20.50 16.01
CA HIS A 181 -20.33 -19.28 15.36
C HIS A 181 -21.11 -18.94 14.09
N GLY A 182 -21.77 -19.95 13.52
CA GLY A 182 -22.66 -19.73 12.38
C GLY A 182 -22.06 -19.76 10.98
N TYR A 183 -20.72 -19.85 10.88
CA TYR A 183 -20.05 -19.73 9.58
C TYR A 183 -19.99 -21.00 8.73
N ALA A 184 -20.60 -22.08 9.20
CA ALA A 184 -20.62 -23.35 8.43
C ALA A 184 -22.09 -23.80 8.23
N ALA A 185 -22.80 -23.14 7.30
CA ALA A 185 -24.24 -23.35 7.13
C ALA A 185 -24.54 -24.79 6.75
N THR A 186 -25.57 -25.37 7.35
CA THR A 186 -26.06 -26.69 6.95
C THR A 186 -27.47 -26.58 6.30
N ASP A 187 -28.04 -25.37 6.33
CA ASP A 187 -29.32 -25.08 5.67
C ASP A 187 -29.45 -23.56 5.49
N HIS A 188 -29.20 -23.11 4.26
CA HIS A 188 -29.22 -21.67 3.95
C HIS A 188 -30.61 -21.05 3.99
N TYR A 189 -31.65 -21.89 4.04
CA TYR A 189 -33.01 -21.37 4.05
C TYR A 189 -33.71 -21.46 5.38
N ARG A 190 -32.96 -21.74 6.45
CA ARG A 190 -33.54 -21.92 7.76
C ARG A 190 -32.66 -21.33 8.85
N ILE A 191 -33.29 -20.53 9.72
CA ILE A 191 -32.64 -20.10 10.94
C ILE A 191 -32.34 -21.36 11.79
N ASP A 192 -31.14 -21.43 12.37
CA ASP A 192 -30.88 -22.47 13.38
C ASP A 192 -31.99 -22.43 14.46
N PRO A 193 -32.70 -23.57 14.66
CA PRO A 193 -33.81 -23.61 15.63
C PRO A 193 -33.39 -23.21 17.05
N ARG A 194 -32.11 -23.27 17.34
CA ARG A 194 -31.66 -22.84 18.63
C ARG A 194 -31.72 -21.32 18.79
N TYR A 195 -31.74 -20.61 17.66
CA TYR A 195 -31.92 -19.15 17.71
C TYR A 195 -33.39 -18.78 17.67
N GLY A 196 -34.19 -19.63 17.02
CA GLY A 196 -35.61 -19.40 16.79
C GLY A 196 -36.05 -19.81 15.40
N SER A 197 -37.16 -19.25 14.94
CA SER A 197 -37.75 -19.62 13.66
C SER A 197 -37.42 -18.57 12.58
N ASN A 198 -37.66 -18.91 11.33
CA ASN A 198 -37.58 -17.91 10.24
C ASN A 198 -38.42 -16.67 10.55
N GLU A 199 -39.63 -16.90 11.05
CA GLU A 199 -40.56 -15.83 11.43
C GLU A 199 -40.00 -14.94 12.55
N ASP A 200 -39.31 -15.55 13.51
CA ASP A 200 -38.68 -14.82 14.63
C ASP A 200 -37.64 -13.85 14.07
N PHE A 201 -36.88 -14.30 13.08
CA PHE A 201 -35.88 -13.42 12.43
C PHE A 201 -36.55 -12.24 11.68
N VAL A 202 -37.61 -12.52 10.95
CA VAL A 202 -38.44 -11.43 10.35
C VAL A 202 -38.90 -10.46 11.43
N ARG A 203 -39.36 -11.00 12.58
CA ARG A 203 -39.81 -10.17 13.70
C ARG A 203 -38.68 -9.34 14.27
N LEU A 204 -37.48 -9.92 14.31
CA LEU A 204 -36.30 -9.19 14.77
C LEU A 204 -36.12 -7.94 13.90
N SER A 205 -36.19 -8.14 12.59
CA SER A 205 -36.11 -7.02 11.65
C SER A 205 -37.20 -5.97 11.89
N THR A 206 -38.44 -6.43 12.03
CA THR A 206 -39.54 -5.49 12.19
C THR A 206 -39.45 -4.70 13.51
N GLU A 207 -39.09 -5.39 14.61
CA GLU A 207 -38.89 -4.75 15.93
C GLU A 207 -37.70 -3.80 15.91
N ALA A 208 -36.63 -4.17 15.21
CA ALA A 208 -35.49 -3.27 15.10
C ALA A 208 -35.91 -1.99 14.36
N ARG A 209 -36.69 -2.16 13.28
CA ARG A 209 -37.14 -1.05 12.41
C ARG A 209 -38.00 -0.08 13.23
N LYS A 210 -38.86 -0.63 14.09
CA LYS A 210 -39.65 0.17 15.05
C LYS A 210 -38.80 1.10 15.93
N ARG A 211 -37.58 0.66 16.21
CA ARG A 211 -36.66 1.38 17.07
C ARG A 211 -35.60 2.13 16.25
N GLY A 212 -35.90 2.35 14.96
CA GLY A 212 -35.05 3.16 14.09
C GLY A 212 -33.79 2.43 13.62
N MET A 213 -33.78 1.11 13.71
CA MET A 213 -32.58 0.33 13.36
C MET A 213 -32.78 -0.63 12.18
N GLY A 214 -31.77 -0.70 11.33
CA GLY A 214 -31.76 -1.63 10.21
C GLY A 214 -31.14 -2.94 10.68
N LEU A 215 -31.34 -3.98 9.87
CA LEU A 215 -30.83 -5.33 10.14
C LEU A 215 -29.95 -5.78 8.99
N ILE A 216 -28.69 -6.04 9.32
CA ILE A 216 -27.67 -6.44 8.34
C ILE A 216 -27.36 -7.91 8.53
N GLN A 217 -27.56 -8.72 7.50
CA GLN A 217 -27.31 -10.15 7.59
C GLN A 217 -25.88 -10.49 7.16
N ASP A 218 -25.31 -11.47 7.87
CA ASP A 218 -23.96 -11.94 7.64
C ASP A 218 -24.09 -13.15 6.76
N VAL A 219 -23.60 -13.04 5.52
CA VAL A 219 -23.75 -14.11 4.54
C VAL A 219 -22.40 -14.74 4.17
N VAL A 220 -22.39 -16.07 4.17
CA VAL A 220 -21.22 -16.78 3.68
C VAL A 220 -21.57 -17.30 2.28
N LEU A 221 -20.66 -17.08 1.34
CA LEU A 221 -20.88 -17.45 -0.05
C LEU A 221 -19.96 -18.57 -0.50
N SER A 222 -18.71 -18.53 -0.01
CA SER A 222 -17.66 -19.47 -0.43
C SER A 222 -17.82 -20.93 0.05
N HIS A 223 -18.34 -21.09 1.25
CA HIS A 223 -18.39 -22.41 1.90
C HIS A 223 -19.64 -22.69 2.70
N ILE A 224 -19.78 -23.97 3.07
CA ILE A 224 -20.88 -24.49 3.87
C ILE A 224 -20.26 -25.35 4.96
N GLY A 225 -21.08 -25.95 5.83
CA GLY A 225 -20.60 -26.91 6.82
C GLY A 225 -20.59 -28.31 6.22
N LYS A 226 -19.74 -29.18 6.76
CA LYS A 226 -19.67 -30.54 6.24
C LYS A 226 -20.97 -31.33 6.54
N HIS A 227 -21.75 -30.88 7.51
CA HIS A 227 -23.04 -31.52 7.82
C HIS A 227 -24.23 -31.01 7.02
N HIS A 228 -23.97 -30.14 6.06
CA HIS A 228 -25.01 -29.72 5.13
C HIS A 228 -25.62 -30.95 4.44
N TRP A 229 -26.94 -30.97 4.30
CA TRP A 229 -27.62 -32.13 3.72
C TRP A 229 -27.18 -32.45 2.28
N TRP A 230 -26.65 -31.44 1.56
CA TRP A 230 -26.07 -31.67 0.22
C TRP A 230 -24.94 -32.70 0.22
N MET A 231 -24.17 -32.73 1.29
CA MET A 231 -22.95 -33.55 1.34
C MET A 231 -23.31 -35.05 1.33
N LYS A 232 -24.53 -35.37 1.76
CA LYS A 232 -25.08 -36.73 1.83
C LYS A 232 -25.47 -37.27 0.46
N ASP A 233 -25.58 -36.38 -0.54
CA ASP A 233 -25.98 -36.72 -1.91
C ASP A 233 -25.73 -35.51 -2.80
N LEU A 234 -24.51 -35.39 -3.31
CA LEU A 234 -24.07 -34.20 -4.03
C LEU A 234 -24.99 -33.90 -5.20
N PRO A 235 -25.57 -32.68 -5.25
CA PRO A 235 -26.48 -32.31 -6.34
C PRO A 235 -25.89 -32.56 -7.74
N THR A 236 -24.63 -32.18 -7.94
CA THR A 236 -23.90 -32.51 -9.15
C THR A 236 -22.51 -32.93 -8.68
N PRO A 237 -21.74 -33.61 -9.53
CA PRO A 237 -20.42 -34.06 -9.10
C PRO A 237 -19.46 -32.89 -8.86
N ASP A 238 -19.75 -31.74 -9.48
CA ASP A 238 -18.89 -30.55 -9.34
C ASP A 238 -19.49 -29.47 -8.45
N TRP A 239 -20.54 -29.79 -7.71
CA TRP A 239 -21.18 -28.84 -6.80
C TRP A 239 -20.17 -28.25 -5.80
N ILE A 240 -19.35 -29.15 -5.23
CA ILE A 240 -18.34 -28.76 -4.25
C ILE A 240 -17.00 -28.86 -4.96
N ASN A 241 -16.12 -27.87 -4.73
CA ASN A 241 -14.81 -27.89 -5.34
C ASN A 241 -14.01 -29.14 -4.95
N TYR A 242 -13.19 -29.60 -5.89
CA TYR A 242 -12.33 -30.79 -5.73
C TYR A 242 -13.18 -32.05 -5.55
N GLY A 243 -14.33 -32.06 -6.22
CA GLY A 243 -15.28 -33.17 -6.18
C GLY A 243 -15.76 -33.60 -4.81
N GLY A 244 -15.93 -32.63 -3.92
CA GLY A 244 -16.49 -32.91 -2.61
C GLY A 244 -15.48 -33.42 -1.61
N LYS A 245 -14.21 -33.41 -2.00
CA LYS A 245 -13.10 -33.89 -1.14
C LYS A 245 -12.28 -32.73 -0.57
N PHE A 246 -11.88 -32.84 0.70
CA PHE A 246 -11.08 -31.82 1.37
C PHE A 246 -9.72 -31.58 0.69
N VAL A 247 -9.57 -30.39 0.11
CA VAL A 247 -8.29 -29.88 -0.40
C VAL A 247 -8.10 -28.45 0.12
N PRO A 248 -7.15 -28.24 1.05
CA PRO A 248 -7.12 -26.94 1.76
C PRO A 248 -6.63 -25.77 0.92
N THR A 249 -7.23 -24.60 1.16
CA THR A 249 -6.60 -23.36 0.71
C THR A 249 -5.37 -23.03 1.55
N GLN A 250 -4.38 -22.43 0.87
CA GLN A 250 -3.21 -21.89 1.54
C GLN A 250 -3.30 -20.35 1.66
N HIS A 251 -4.47 -19.80 1.31
CA HIS A 251 -4.80 -18.40 1.62
C HIS A 251 -3.97 -17.32 0.89
N HIS A 252 -3.56 -17.57 -0.35
CA HIS A 252 -2.79 -16.58 -1.12
C HIS A 252 -3.75 -15.58 -1.74
N ARG A 253 -4.25 -14.68 -0.89
CA ARG A 253 -5.33 -13.79 -1.33
C ARG A 253 -4.96 -12.85 -2.44
N VAL A 254 -3.70 -12.41 -2.51
CA VAL A 254 -3.32 -11.52 -3.61
C VAL A 254 -3.33 -12.24 -4.97
N ALA A 255 -3.33 -13.57 -4.96
CA ALA A 255 -3.23 -14.34 -6.24
C ALA A 255 -4.36 -14.04 -7.22
N VAL A 256 -5.53 -13.65 -6.70
CA VAL A 256 -6.66 -13.26 -7.57
C VAL A 256 -6.50 -11.86 -8.20
N GLN A 257 -5.52 -11.09 -7.76
CA GLN A 257 -5.32 -9.69 -8.18
C GLN A 257 -3.85 -9.26 -8.29
N ASP A 258 -3.07 -10.11 -8.97
CA ASP A 258 -1.62 -10.01 -9.03
C ASP A 258 -1.19 -10.26 -10.49
N PRO A 259 -0.48 -9.30 -11.10
CA PRO A 259 -0.02 -9.51 -12.48
C PRO A 259 0.90 -10.74 -12.63
N TYR A 260 1.58 -11.15 -11.55
CA TYR A 260 2.54 -12.27 -11.60
C TYR A 260 1.96 -13.61 -11.07
N ALA A 261 0.65 -13.65 -10.89
CA ALA A 261 -0.02 -14.79 -10.24
C ALA A 261 0.14 -16.05 -11.06
N ALA A 262 0.26 -17.16 -10.35
CA ALA A 262 0.05 -18.49 -10.89
C ALA A 262 -1.46 -18.87 -10.77
N GLN A 263 -2.00 -19.45 -11.83
CA GLN A 263 -3.36 -20.02 -11.77
C GLN A 263 -3.52 -20.98 -10.61
N ALA A 264 -2.48 -21.76 -10.30
CA ALA A 264 -2.53 -22.68 -9.17
C ALA A 264 -2.93 -21.95 -7.87
N ASP A 265 -2.36 -20.77 -7.68
CA ASP A 265 -2.54 -20.00 -6.43
C ASP A 265 -3.91 -19.33 -6.40
N SER A 266 -4.31 -18.75 -7.53
CA SER A 266 -5.65 -18.16 -7.64
C SER A 266 -6.76 -19.19 -7.44
N GLU A 267 -6.65 -20.32 -8.15
CA GLU A 267 -7.58 -21.41 -7.96
C GLU A 267 -7.56 -21.91 -6.53
N ASN A 268 -6.37 -22.03 -5.95
CA ASN A 268 -6.29 -22.51 -4.60
C ASN A 268 -7.01 -21.56 -3.64
N PHE A 269 -6.96 -20.27 -3.94
CA PHE A 269 -7.60 -19.29 -3.07
C PHE A 269 -9.12 -19.38 -3.16
N THR A 270 -9.65 -19.48 -4.38
CA THR A 270 -11.09 -19.43 -4.60
C THR A 270 -11.80 -20.78 -4.52
N LYS A 271 -11.04 -21.89 -4.70
CA LYS A 271 -11.58 -23.26 -4.65
C LYS A 271 -11.14 -24.06 -3.44
N GLY A 272 -9.96 -23.74 -2.90
CA GLY A 272 -9.45 -24.41 -1.70
C GLY A 272 -10.39 -24.32 -0.50
N TRP A 273 -10.49 -25.41 0.26
CA TRP A 273 -11.38 -25.44 1.42
C TRP A 273 -10.80 -24.62 2.57
N PHE A 274 -11.63 -23.79 3.17
CA PHE A 274 -11.17 -22.92 4.23
C PHE A 274 -10.53 -23.76 5.36
N VAL A 275 -11.28 -24.78 5.79
CA VAL A 275 -10.83 -25.83 6.71
C VAL A 275 -11.54 -27.12 6.32
N GLU A 276 -11.10 -28.26 6.86
CA GLU A 276 -11.70 -29.55 6.51
C GLU A 276 -13.22 -29.60 6.71
N GLY A 277 -13.73 -28.92 7.74
CA GLY A 277 -15.13 -28.92 8.07
C GLY A 277 -15.96 -27.91 7.27
N MET A 278 -15.35 -27.23 6.31
CA MET A 278 -16.06 -26.22 5.49
C MET A 278 -15.93 -26.46 3.98
N PRO A 279 -16.72 -27.43 3.45
CA PRO A 279 -16.72 -27.69 2.01
C PRO A 279 -16.90 -26.43 1.19
N ASP A 280 -16.13 -26.34 0.11
CA ASP A 280 -16.06 -25.12 -0.67
C ASP A 280 -16.96 -25.21 -1.89
N LEU A 281 -17.85 -24.22 -2.03
CA LEU A 281 -18.83 -24.24 -3.13
C LEU A 281 -18.22 -23.88 -4.47
N ASN A 282 -18.49 -24.68 -5.49
CA ASN A 282 -18.03 -24.39 -6.83
C ASN A 282 -18.91 -23.34 -7.52
N GLN A 283 -18.55 -22.07 -7.34
CA GLN A 283 -19.38 -21.00 -7.87
C GLN A 283 -19.23 -20.79 -9.38
N THR A 284 -18.33 -21.56 -10.00
CA THR A 284 -18.23 -21.58 -11.47
C THR A 284 -19.36 -22.43 -12.06
N ASN A 285 -19.98 -23.28 -11.24
CA ASN A 285 -21.20 -23.97 -11.65
C ASN A 285 -22.37 -22.99 -11.58
N PRO A 286 -22.98 -22.65 -12.74
CA PRO A 286 -24.05 -21.65 -12.73
C PRO A 286 -25.22 -22.00 -11.80
N LEU A 287 -25.47 -23.30 -11.57
CA LEU A 287 -26.49 -23.71 -10.62
C LEU A 287 -26.13 -23.23 -9.20
N VAL A 288 -24.84 -23.29 -8.86
CA VAL A 288 -24.39 -22.87 -7.52
C VAL A 288 -24.48 -21.35 -7.41
N ALA A 289 -24.03 -20.67 -8.47
CA ALA A 289 -24.12 -19.21 -8.53
C ALA A 289 -25.58 -18.73 -8.36
N ASN A 290 -26.49 -19.28 -9.17
CA ASN A 290 -27.91 -18.95 -9.07
C ASN A 290 -28.43 -19.21 -7.68
N TYR A 291 -28.01 -20.33 -7.10
CA TYR A 291 -28.50 -20.73 -5.79
C TYR A 291 -28.20 -19.65 -4.74
N LEU A 292 -26.96 -19.19 -4.73
CA LEU A 292 -26.50 -18.23 -3.72
C LEU A 292 -27.11 -16.85 -3.93
N ILE A 293 -27.13 -16.42 -5.19
CA ILE A 293 -27.68 -15.12 -5.53
C ILE A 293 -29.15 -15.09 -5.10
N GLN A 294 -29.90 -16.13 -5.46
CA GLN A 294 -31.33 -16.15 -5.13
C GLN A 294 -31.57 -16.26 -3.62
N ASN A 295 -30.75 -17.06 -2.95
CA ASN A 295 -30.93 -17.21 -1.51
C ASN A 295 -30.72 -15.88 -0.77
N ASN A 296 -29.70 -15.12 -1.17
CA ASN A 296 -29.42 -13.87 -0.46
C ASN A 296 -30.48 -12.84 -0.78
N ILE A 297 -30.91 -12.79 -2.04
CA ILE A 297 -32.05 -11.92 -2.38
C ILE A 297 -33.29 -12.32 -1.56
N TRP A 298 -33.51 -13.63 -1.42
CA TRP A 298 -34.67 -14.13 -0.68
C TRP A 298 -34.65 -13.61 0.77
N TRP A 299 -33.50 -13.69 1.44
CA TRP A 299 -33.38 -13.17 2.79
C TRP A 299 -33.60 -11.66 2.84
N ILE A 300 -33.04 -10.91 1.90
CA ILE A 300 -33.24 -9.45 1.92
C ILE A 300 -34.73 -9.13 1.81
N GLU A 301 -35.37 -9.77 0.85
CA GLU A 301 -36.77 -9.45 0.58
C GLU A 301 -37.69 -9.93 1.71
N TYR A 302 -37.48 -11.16 2.15
CA TYR A 302 -38.32 -11.80 3.16
C TYR A 302 -38.17 -11.13 4.52
N ALA A 303 -36.92 -10.83 4.89
CA ALA A 303 -36.63 -10.31 6.22
C ALA A 303 -36.47 -8.78 6.31
N GLY A 304 -36.64 -8.09 5.18
CA GLY A 304 -36.55 -6.62 5.15
C GLY A 304 -35.22 -6.05 5.63
N LEU A 305 -34.14 -6.65 5.16
CA LEU A 305 -32.78 -6.26 5.56
C LEU A 305 -32.40 -4.91 4.97
N SER A 306 -31.45 -4.25 5.63
CA SER A 306 -30.91 -2.97 5.19
C SER A 306 -29.59 -3.19 4.45
N GLY A 307 -29.13 -4.44 4.42
CA GLY A 307 -27.83 -4.68 3.81
C GLY A 307 -27.24 -6.00 4.26
N LEU A 308 -26.01 -6.24 3.81
CA LEU A 308 -25.34 -7.51 4.09
C LEU A 308 -23.91 -7.23 4.49
N ARG A 309 -23.35 -8.17 5.27
CA ARG A 309 -21.92 -8.25 5.53
C ARG A 309 -21.52 -9.60 4.93
N ILE A 310 -20.54 -9.57 4.05
CA ILE A 310 -20.19 -10.74 3.22
C ILE A 310 -18.88 -11.29 3.69
N ASP A 311 -18.96 -12.50 4.21
CA ASP A 311 -17.82 -13.18 4.78
C ASP A 311 -16.78 -13.54 3.73
N THR A 312 -15.54 -13.74 4.19
CA THR A 312 -14.46 -14.39 3.38
C THR A 312 -14.56 -13.94 1.94
N TYR A 313 -14.49 -12.62 1.73
CA TYR A 313 -14.97 -12.07 0.47
C TYR A 313 -14.27 -12.69 -0.78
N GLY A 314 -12.94 -12.57 -0.84
CA GLY A 314 -12.22 -12.99 -2.06
C GLY A 314 -12.06 -14.50 -2.24
N TYR A 315 -12.48 -15.26 -1.23
CA TYR A 315 -12.50 -16.73 -1.30
C TYR A 315 -13.61 -17.25 -2.22
N SER A 316 -14.49 -16.39 -2.68
CA SER A 316 -15.45 -16.77 -3.71
C SER A 316 -14.85 -16.53 -5.08
N ASP A 317 -15.28 -17.32 -6.05
CA ASP A 317 -14.87 -17.12 -7.44
C ASP A 317 -15.08 -15.66 -7.86
N GLY A 318 -14.05 -15.03 -8.44
CA GLY A 318 -14.16 -13.61 -8.80
C GLY A 318 -15.25 -13.28 -9.79
N ALA A 319 -15.39 -14.10 -10.83
CA ALA A 319 -16.43 -13.90 -11.85
C ALA A 319 -17.83 -14.05 -11.22
N PHE A 320 -17.98 -15.00 -10.30
CA PHE A 320 -19.22 -15.14 -9.54
C PHE A 320 -19.50 -13.88 -8.74
N LEU A 321 -18.47 -13.34 -8.09
CA LEU A 321 -18.68 -12.12 -7.27
C LEU A 321 -19.13 -10.93 -8.11
N THR A 322 -18.53 -10.80 -9.28
CA THR A 322 -18.96 -9.77 -10.24
C THR A 322 -20.47 -9.88 -10.53
N GLU A 323 -20.93 -11.09 -10.86
CA GLU A 323 -22.35 -11.34 -11.19
C GLU A 323 -23.25 -11.21 -9.95
N TYR A 324 -22.79 -11.76 -8.82
CA TYR A 324 -23.53 -11.70 -7.57
C TYR A 324 -23.74 -10.24 -7.17
N THR A 325 -22.68 -9.46 -7.18
CA THR A 325 -22.82 -8.08 -6.72
C THR A 325 -23.72 -7.32 -7.69
N ARG A 326 -23.58 -7.62 -8.98
CA ARG A 326 -24.40 -6.96 -10.03
C ARG A 326 -25.88 -7.28 -9.80
N ARG A 327 -26.18 -8.57 -9.62
CA ARG A 327 -27.55 -9.01 -9.33
C ARG A 327 -28.18 -8.38 -8.08
N LEU A 328 -27.48 -8.44 -6.96
CA LEU A 328 -28.01 -7.86 -5.70
C LEU A 328 -28.28 -6.37 -5.83
N MET A 329 -27.31 -5.68 -6.41
CA MET A 329 -27.41 -4.24 -6.51
C MET A 329 -28.40 -3.80 -7.59
N ALA A 330 -28.63 -4.66 -8.57
CA ALA A 330 -29.70 -4.39 -9.54
C ALA A 330 -31.07 -4.50 -8.87
N GLU A 331 -31.25 -5.44 -7.95
CA GLU A 331 -32.53 -5.50 -7.19
C GLU A 331 -32.69 -4.28 -6.28
N TYR A 332 -31.61 -3.94 -5.59
CA TYR A 332 -31.66 -2.98 -4.48
C TYR A 332 -30.58 -1.95 -4.70
N PRO A 333 -30.82 -1.02 -5.61
CA PRO A 333 -29.73 -0.10 -5.93
C PRO A 333 -29.18 0.78 -4.79
N ARG A 334 -29.98 1.03 -3.75
CA ARG A 334 -29.56 1.84 -2.62
C ARG A 334 -29.02 1.02 -1.44
N LEU A 335 -28.92 -0.30 -1.64
CA LEU A 335 -28.44 -1.20 -0.59
C LEU A 335 -26.97 -0.90 -0.25
N ASN A 336 -26.53 -1.36 0.91
CA ASN A 336 -25.11 -1.44 1.14
C ASN A 336 -24.77 -2.91 1.45
N MET A 337 -23.59 -3.31 1.01
CA MET A 337 -23.06 -4.64 1.31
C MET A 337 -21.58 -4.41 1.63
N VAL A 338 -21.13 -4.91 2.79
CA VAL A 338 -19.75 -4.71 3.20
C VAL A 338 -19.01 -6.05 3.13
N GLY A 339 -18.04 -6.13 2.21
CA GLY A 339 -17.22 -7.35 2.06
C GLY A 339 -16.12 -7.39 3.11
N GLN A 340 -15.89 -8.59 3.65
CA GLN A 340 -14.78 -8.82 4.56
C GLN A 340 -13.58 -9.32 3.75
N GLU A 341 -12.70 -8.40 3.34
CA GLU A 341 -11.47 -8.79 2.64
C GLU A 341 -10.37 -8.47 3.64
N TRP A 342 -9.91 -9.52 4.33
CA TRP A 342 -9.02 -9.27 5.47
C TRP A 342 -7.57 -9.14 5.04
N SER A 343 -7.21 -7.89 4.72
CA SER A 343 -5.86 -7.49 4.37
C SER A 343 -5.60 -6.14 5.00
N THR A 344 -4.38 -5.94 5.47
CA THR A 344 -3.98 -4.60 5.94
C THR A 344 -3.40 -3.72 4.83
N ARG A 345 -3.39 -4.26 3.60
CA ARG A 345 -2.89 -3.51 2.43
C ARG A 345 -4.04 -2.79 1.74
N VAL A 346 -3.99 -1.46 1.75
CA VAL A 346 -5.09 -0.69 1.16
C VAL A 346 -5.36 -1.14 -0.31
N PRO A 347 -4.33 -1.32 -1.13
CA PRO A 347 -4.63 -1.71 -2.53
C PRO A 347 -5.45 -3.03 -2.63
N VAL A 348 -5.19 -3.96 -1.72
CA VAL A 348 -5.85 -5.26 -1.75
C VAL A 348 -7.34 -5.13 -1.42
N VAL A 349 -7.65 -4.28 -0.46
CA VAL A 349 -9.05 -4.04 -0.09
C VAL A 349 -9.79 -3.25 -1.20
N ALA A 350 -9.12 -2.21 -1.70
CA ALA A 350 -9.73 -1.21 -2.58
C ALA A 350 -10.15 -1.83 -3.92
N ARG A 351 -9.44 -2.88 -4.32
CA ARG A 351 -9.68 -3.62 -5.58
C ARG A 351 -11.16 -4.00 -5.80
N TRP A 352 -11.85 -4.31 -4.70
CA TRP A 352 -13.17 -4.92 -4.75
C TRP A 352 -14.31 -3.90 -4.77
N GLN A 353 -14.02 -2.62 -4.53
CA GLN A 353 -15.13 -1.65 -4.35
C GLN A 353 -15.68 -1.21 -5.72
N ARG A 354 -17.01 -1.08 -5.83
CA ARG A 354 -17.63 -0.60 -7.08
C ARG A 354 -16.96 0.68 -7.60
N GLY A 355 -16.77 0.75 -8.91
CA GLY A 355 -16.23 1.96 -9.54
C GLY A 355 -14.72 1.94 -9.65
N LYS A 356 -14.07 0.91 -9.11
CA LYS A 356 -12.61 0.82 -9.16
C LYS A 356 -12.13 0.47 -10.59
N ALA A 357 -11.15 1.23 -11.08
CA ALA A 357 -10.53 0.89 -12.37
C ALA A 357 -9.36 -0.01 -12.03
N ASN A 358 -9.52 -1.31 -12.28
CA ASN A 358 -8.52 -2.30 -11.94
C ASN A 358 -7.61 -2.62 -13.13
N PHE A 359 -6.35 -2.93 -12.84
CA PHE A 359 -5.34 -3.19 -13.89
C PHE A 359 -5.75 -4.35 -14.81
N ASP A 360 -6.50 -5.30 -14.26
CA ASP A 360 -6.94 -6.49 -14.97
C ASP A 360 -8.38 -6.41 -15.48
N GLY A 361 -8.95 -5.20 -15.42
CA GLY A 361 -10.35 -4.96 -15.78
C GLY A 361 -11.39 -5.56 -14.86
N TYR A 362 -10.98 -5.99 -13.67
CA TYR A 362 -11.94 -6.62 -12.74
C TYR A 362 -13.01 -5.59 -12.36
N THR A 363 -14.27 -5.98 -12.48
CA THR A 363 -15.35 -5.06 -12.08
C THR A 363 -16.22 -5.71 -11.02
N SER A 364 -16.81 -4.83 -10.21
CA SER A 364 -17.54 -5.22 -9.03
C SER A 364 -18.62 -4.16 -8.75
N HIS A 365 -19.72 -4.60 -8.15
CA HIS A 365 -20.74 -3.68 -7.68
C HIS A 365 -20.76 -3.60 -6.14
N LEU A 366 -19.78 -4.20 -5.50
CA LEU A 366 -19.69 -4.16 -4.03
C LEU A 366 -19.55 -2.74 -3.48
N PRO A 367 -20.54 -2.26 -2.69
CA PRO A 367 -20.45 -0.89 -2.19
C PRO A 367 -19.43 -0.61 -1.09
N SER A 368 -19.11 -1.60 -0.27
CA SER A 368 -18.31 -1.33 0.92
C SER A 368 -17.38 -2.50 1.24
N LEU A 369 -16.32 -2.19 1.99
CA LEU A 369 -15.43 -3.21 2.57
C LEU A 369 -15.08 -2.81 3.99
N MET A 370 -14.61 -3.79 4.75
CA MET A 370 -14.15 -3.55 6.13
C MET A 370 -12.77 -2.92 6.08
N ASP A 371 -12.56 -1.85 6.84
CA ASP A 371 -11.31 -1.11 6.75
C ASP A 371 -10.25 -1.69 7.70
N PHE A 372 -9.83 -2.92 7.44
CA PHE A 372 -8.72 -3.51 8.19
C PHE A 372 -7.44 -2.67 8.17
N PRO A 373 -7.06 -2.04 7.03
CA PRO A 373 -5.81 -1.23 7.09
C PRO A 373 -5.82 -0.15 8.14
N LEU A 374 -6.95 0.57 8.23
CA LEU A 374 -6.98 1.75 9.11
C LEU A 374 -7.12 1.29 10.55
N VAL A 375 -7.89 0.24 10.79
CA VAL A 375 -8.01 -0.29 12.16
C VAL A 375 -6.62 -0.77 12.66
N ASP A 376 -5.92 -1.48 11.80
CA ASP A 376 -4.61 -2.02 12.17
C ASP A 376 -3.69 -0.86 12.53
N ALA A 377 -3.75 0.22 11.75
CA ALA A 377 -2.86 1.37 11.93
C ALA A 377 -3.12 2.03 13.31
N MET A 378 -4.37 2.24 13.62
CA MET A 378 -4.72 2.89 14.89
C MET A 378 -4.39 1.99 16.10
N ARG A 379 -4.70 0.71 16.02
CA ARG A 379 -4.33 -0.25 17.08
C ARG A 379 -2.82 -0.27 17.32
N ASN A 380 -2.05 -0.22 16.24
CA ASN A 380 -0.57 -0.13 16.35
C ASN A 380 -0.17 1.16 17.07
N ALA A 381 -0.79 2.28 16.65
CA ALA A 381 -0.45 3.58 17.17
C ALA A 381 -0.70 3.62 18.68
N LEU A 382 -1.81 3.02 19.11
CA LEU A 382 -2.25 3.17 20.51
C LEU A 382 -1.59 2.17 21.43
N SER A 383 -1.03 1.11 20.84
CA SER A 383 -0.39 0.06 21.66
C SER A 383 1.12 0.20 21.77
N LYS A 384 1.76 0.63 20.68
CA LYS A 384 3.20 0.83 20.62
C LYS A 384 3.55 2.19 21.21
N THR A 385 3.30 2.34 22.50
CA THR A 385 3.32 3.66 23.13
C THR A 385 4.75 4.19 23.27
N GLY A 386 5.73 3.29 23.13
CA GLY A 386 7.13 3.68 23.10
C GLY A 386 7.63 4.33 21.80
N GLU A 387 6.84 4.23 20.73
CA GLU A 387 7.16 4.91 19.47
C GLU A 387 7.01 6.42 19.60
N GLU A 388 7.93 7.18 18.99
CA GLU A 388 7.88 8.64 19.03
C GLU A 388 6.65 9.18 18.31
N ASN A 389 6.23 8.52 17.23
CA ASN A 389 5.16 9.09 16.40
C ASN A 389 4.30 8.04 15.71
N GLY A 390 3.85 7.07 16.53
CA GLY A 390 3.04 5.93 16.09
C GLY A 390 1.80 6.34 15.30
N LEU A 391 1.23 7.49 15.64
CA LEU A 391 0.04 7.95 14.92
C LEU A 391 0.30 8.25 13.44
N ASN A 392 1.57 8.42 13.07
CA ASN A 392 1.93 8.66 11.65
C ASN A 392 1.41 7.56 10.73
N GLU A 393 1.40 6.32 11.21
CA GLU A 393 0.84 5.21 10.44
C GLU A 393 -0.65 5.41 10.10
N VAL A 394 -1.41 6.03 11.01
CA VAL A 394 -2.85 6.26 10.80
C VAL A 394 -3.00 7.29 9.70
N TYR A 395 -2.29 8.41 9.86
CA TYR A 395 -2.29 9.52 8.92
C TYR A 395 -1.91 9.02 7.51
N GLU A 396 -0.78 8.34 7.40
CA GLU A 396 -0.37 7.87 6.09
C GLU A 396 -1.36 6.85 5.49
N THR A 397 -1.91 5.95 6.30
CA THR A 397 -2.90 5.00 5.77
C THR A 397 -4.13 5.77 5.22
N LEU A 398 -4.63 6.71 6.01
CA LEU A 398 -5.76 7.52 5.59
C LEU A 398 -5.48 8.31 4.30
N SER A 399 -4.23 8.72 4.09
CA SER A 399 -3.85 9.50 2.92
C SER A 399 -4.00 8.65 1.65
N LEU A 400 -4.10 7.34 1.82
CA LEU A 400 -4.27 6.44 0.67
C LEU A 400 -5.75 6.28 0.26
N ASP A 401 -6.66 7.07 0.86
CA ASP A 401 -8.08 6.95 0.57
C ASP A 401 -8.44 7.13 -0.90
N TYR A 402 -7.60 7.84 -1.64
CA TYR A 402 -7.85 8.06 -3.09
C TYR A 402 -7.85 6.73 -3.85
N LEU A 403 -7.29 5.68 -3.25
CA LEU A 403 -7.29 4.35 -3.89
C LEU A 403 -8.69 3.74 -3.93
N TYR A 404 -9.56 4.21 -3.03
CA TYR A 404 -10.95 3.73 -2.95
C TYR A 404 -11.83 4.66 -3.76
N PRO A 405 -12.72 4.10 -4.59
CA PRO A 405 -13.74 4.92 -5.24
C PRO A 405 -14.63 5.67 -4.26
N GLU A 406 -14.97 5.03 -3.12
CA GLU A 406 -15.89 5.61 -2.13
C GLU A 406 -15.40 5.31 -0.70
N PRO A 407 -14.33 5.95 -0.26
CA PRO A 407 -13.76 5.66 1.08
C PRO A 407 -14.77 5.97 2.17
N GLN A 408 -15.60 6.99 1.94
CA GLN A 408 -16.63 7.35 2.90
C GLN A 408 -17.64 6.22 3.14
N ASN A 409 -17.74 5.24 2.23
CA ASN A 409 -18.69 4.13 2.36
C ASN A 409 -18.10 2.87 3.01
N LEU A 410 -16.82 2.94 3.37
CA LEU A 410 -16.13 1.80 4.02
C LEU A 410 -16.53 1.75 5.49
N VAL A 411 -16.50 0.53 6.02
CA VAL A 411 -16.85 0.29 7.42
C VAL A 411 -15.58 0.29 8.24
N LEU A 412 -15.48 1.28 9.11
CA LEU A 412 -14.39 1.33 10.09
C LEU A 412 -14.92 0.75 11.40
N PHE A 413 -14.11 -0.02 12.10
CA PHE A 413 -14.65 -0.73 13.26
C PHE A 413 -13.74 -0.63 14.49
N GLY A 414 -14.36 -0.65 15.67
CA GLY A 414 -13.60 -0.70 16.94
C GLY A 414 -12.95 -2.06 17.11
N GLY A 415 -13.65 -3.08 16.64
CA GLY A 415 -13.16 -4.48 16.68
C GLY A 415 -14.25 -5.38 16.13
N ASN A 416 -14.08 -6.69 16.32
CA ASN A 416 -15.05 -7.65 15.88
C ASN A 416 -14.76 -8.99 16.55
N HIS A 417 -15.52 -10.00 16.19
CA HIS A 417 -15.41 -11.31 16.82
C HIS A 417 -14.13 -12.10 16.42
N ASP A 418 -13.29 -11.55 15.53
CA ASP A 418 -12.09 -12.26 15.04
C ASP A 418 -10.76 -11.71 15.54
N MET A 419 -10.82 -10.64 16.33
CA MET A 419 -9.59 -9.96 16.75
C MET A 419 -9.69 -9.58 18.22
N ALA A 420 -8.54 -9.21 18.75
CA ALA A 420 -8.37 -8.88 20.16
C ALA A 420 -9.42 -7.83 20.53
N ARG A 421 -9.96 -7.94 21.74
CA ARG A 421 -10.90 -6.92 22.26
C ARG A 421 -10.29 -5.52 22.21
N MET A 422 -11.14 -4.57 21.81
CA MET A 422 -10.71 -3.18 21.62
C MET A 422 -9.91 -2.63 22.81
N PHE A 423 -10.41 -2.87 24.03
CA PHE A 423 -9.77 -2.36 25.23
C PHE A 423 -8.41 -3.03 25.46
N SER A 424 -8.35 -4.34 25.23
CA SER A 424 -7.10 -5.09 25.29
C SER A 424 -6.08 -4.66 24.25
N ALA A 425 -6.53 -4.41 23.03
CA ALA A 425 -5.64 -3.94 21.96
C ALA A 425 -5.05 -2.56 22.28
N ALA A 426 -5.77 -1.79 23.10
CA ALA A 426 -5.32 -0.49 23.56
C ALA A 426 -4.53 -0.61 24.87
N GLY A 427 -4.15 -1.83 25.26
CA GLY A 427 -3.29 -2.08 26.43
C GLY A 427 -4.00 -1.79 27.75
N GLU A 428 -5.32 -1.92 27.78
CA GLU A 428 -6.14 -1.59 28.95
C GLU A 428 -5.91 -0.17 29.44
N ASP A 429 -5.57 0.71 28.49
CA ASP A 429 -5.29 2.11 28.75
C ASP A 429 -6.57 2.88 28.38
N PHE A 430 -7.31 3.32 29.41
CA PHE A 430 -8.62 3.94 29.16
C PHE A 430 -8.47 5.21 28.34
N ASP A 431 -7.44 6.01 28.62
CA ASP A 431 -7.26 7.26 27.92
C ASP A 431 -6.96 6.99 26.45
N ARG A 432 -6.08 6.04 26.18
CA ARG A 432 -5.85 5.69 24.76
C ARG A 432 -7.07 5.05 24.07
N TRP A 433 -7.84 4.26 24.80
CA TRP A 433 -9.09 3.69 24.31
C TRP A 433 -10.06 4.79 23.87
N ARG A 434 -10.10 5.86 24.66
CA ARG A 434 -10.94 7.03 24.32
C ARG A 434 -10.57 7.60 22.95
N MET A 435 -9.28 7.64 22.68
CA MET A 435 -8.79 8.15 21.39
C MET A 435 -9.29 7.27 20.25
N ASN A 436 -9.25 5.95 20.44
CA ASN A 436 -9.78 5.01 19.46
C ASN A 436 -11.29 5.24 19.23
N LEU A 437 -12.02 5.44 20.32
CA LEU A 437 -13.46 5.64 20.21
C LEU A 437 -13.80 6.94 19.46
N VAL A 438 -13.13 8.03 19.84
CA VAL A 438 -13.29 9.34 19.18
C VAL A 438 -13.00 9.23 17.69
N PHE A 439 -11.90 8.58 17.37
CA PHE A 439 -11.48 8.31 15.98
C PHE A 439 -12.60 7.58 15.20
N LEU A 440 -13.11 6.49 15.80
CA LEU A 440 -14.10 5.66 15.18
C LEU A 440 -15.36 6.48 14.82
N MET A 441 -15.76 7.36 15.75
CA MET A 441 -17.00 8.14 15.63
C MET A 441 -16.88 9.44 14.79
N THR A 442 -15.66 9.77 14.36
CA THR A 442 -15.43 11.03 13.65
C THR A 442 -14.77 10.91 12.28
N MET A 443 -14.24 9.72 11.98
CA MET A 443 -13.69 9.48 10.65
C MET A 443 -14.76 9.52 9.55
N PRO A 444 -14.34 9.83 8.29
CA PRO A 444 -15.25 9.75 7.14
C PRO A 444 -15.45 8.29 6.71
N ARG A 445 -16.24 7.58 7.52
CA ARG A 445 -16.44 6.16 7.43
C ARG A 445 -17.82 5.86 8.01
N ILE A 446 -18.25 4.62 7.78
CA ILE A 446 -19.37 4.04 8.50
C ILE A 446 -18.83 3.31 9.74
N PRO A 447 -19.12 3.81 10.96
CA PRO A 447 -18.56 3.12 12.15
C PRO A 447 -19.31 1.83 12.51
N GLN A 448 -18.54 0.82 12.93
CA GLN A 448 -19.12 -0.39 13.42
C GLN A 448 -18.45 -0.68 14.77
N PHE A 449 -19.25 -1.17 15.71
CA PHE A 449 -18.79 -1.35 17.07
C PHE A 449 -19.16 -2.77 17.47
N TYR A 450 -18.29 -3.41 18.27
CA TYR A 450 -18.49 -4.82 18.63
C TYR A 450 -19.07 -4.95 20.07
N SER A 451 -20.21 -5.63 20.19
CA SER A 451 -20.93 -5.80 21.47
C SER A 451 -19.99 -6.25 22.57
N GLY A 452 -20.02 -5.53 23.69
CA GLY A 452 -19.16 -5.83 24.84
C GLY A 452 -18.01 -4.85 24.94
N ASP A 453 -17.61 -4.23 23.83
CA ASP A 453 -16.57 -3.22 23.86
C ASP A 453 -16.98 -1.97 24.68
N GLU A 454 -18.28 -1.75 24.81
CA GLU A 454 -18.79 -0.57 25.51
C GLU A 454 -18.64 -0.72 27.02
N ILE A 455 -18.30 -1.92 27.46
CA ILE A 455 -17.92 -2.11 28.88
C ILE A 455 -16.52 -2.71 29.02
N LEU A 456 -15.67 -2.48 28.01
CA LEU A 456 -14.23 -2.75 28.09
C LEU A 456 -13.94 -4.24 28.35
N MET A 457 -14.76 -5.12 27.78
CA MET A 457 -14.46 -6.55 27.83
C MET A 457 -13.05 -6.79 27.30
N THR A 458 -12.37 -7.76 27.91
CA THR A 458 -10.98 -8.01 27.58
C THR A 458 -10.79 -9.38 26.91
N SER A 459 -9.61 -9.53 26.31
CA SER A 459 -9.25 -10.79 25.70
C SER A 459 -7.74 -10.92 25.73
N THR A 460 -7.25 -12.08 25.30
CA THR A 460 -5.84 -12.21 25.00
C THR A 460 -5.50 -11.30 23.81
N VAL A 461 -4.27 -10.81 23.75
CA VAL A 461 -3.88 -9.97 22.63
C VAL A 461 -2.95 -10.63 21.62
N LYS A 462 -2.15 -11.58 22.08
CA LYS A 462 -1.24 -12.27 21.17
C LYS A 462 -1.97 -13.35 20.36
N GLY A 463 -1.49 -13.54 19.14
CA GLY A 463 -1.91 -14.62 18.28
C GLY A 463 -3.39 -14.60 17.96
N ARG A 464 -3.98 -15.78 17.96
CA ARG A 464 -5.39 -15.88 17.70
C ARG A 464 -6.06 -16.75 18.74
N ASP A 465 -7.14 -16.24 19.28
CA ASP A 465 -7.81 -16.91 20.37
C ASP A 465 -9.30 -16.56 20.29
N ASP A 466 -9.98 -17.20 19.34
CA ASP A 466 -11.38 -16.86 19.04
C ASP A 466 -12.32 -16.86 20.24
N ALA A 467 -12.18 -17.88 21.10
CA ALA A 467 -13.06 -17.97 22.26
C ALA A 467 -12.90 -16.73 23.14
N SER A 468 -11.67 -16.19 23.24
CA SER A 468 -11.42 -15.08 24.15
C SER A 468 -12.14 -13.80 23.67
N TYR A 469 -12.47 -13.74 22.38
CA TYR A 469 -13.12 -12.53 21.81
C TYR A 469 -14.63 -12.55 21.93
N ARG A 470 -15.18 -13.65 22.45
CA ARG A 470 -16.61 -13.90 22.26
C ARG A 470 -17.31 -14.25 23.56
N ARG A 471 -16.78 -13.72 24.65
CA ARG A 471 -17.38 -13.98 25.96
C ARG A 471 -18.81 -13.46 26.03
N ASP A 472 -19.64 -14.11 26.86
CA ASP A 472 -21.06 -13.76 26.95
C ASP A 472 -21.22 -12.34 27.41
N PHE A 473 -22.21 -11.66 26.83
CA PHE A 473 -22.50 -10.30 27.26
C PHE A 473 -23.07 -10.34 28.70
N PRO A 474 -22.47 -9.55 29.63
CA PRO A 474 -22.99 -9.58 31.02
C PRO A 474 -24.38 -9.00 31.12
N GLY A 475 -25.30 -9.85 31.58
CA GLY A 475 -26.70 -9.50 31.62
C GLY A 475 -27.54 -10.24 30.61
N GLY A 476 -26.88 -10.98 29.71
CA GLY A 476 -27.60 -11.73 28.69
C GLY A 476 -28.22 -13.05 29.20
N TRP A 477 -27.81 -13.47 30.39
CA TRP A 477 -28.22 -14.77 30.96
C TRP A 477 -28.81 -14.55 32.34
N ALA A 478 -29.93 -15.22 32.60
CA ALA A 478 -30.52 -15.27 33.95
C ALA A 478 -29.43 -15.60 34.99
N GLY A 479 -29.44 -14.87 36.10
CA GLY A 479 -28.48 -15.12 37.18
C GLY A 479 -27.16 -14.38 37.08
N ASP A 480 -26.92 -13.67 35.98
CA ASP A 480 -25.67 -12.91 35.83
C ASP A 480 -25.51 -11.93 37.00
N LYS A 481 -24.32 -11.87 37.58
CA LYS A 481 -24.04 -10.98 38.73
C LYS A 481 -23.97 -9.52 38.30
N ALA A 482 -23.50 -9.32 37.05
CA ALA A 482 -23.42 -7.98 36.45
C ALA A 482 -24.29 -7.98 35.22
N ASN A 483 -24.95 -6.85 35.00
CA ASN A 483 -25.87 -6.69 33.91
C ASN A 483 -25.60 -5.35 33.22
N ALA A 484 -24.88 -5.41 32.09
CA ALA A 484 -24.54 -4.21 31.34
C ALA A 484 -25.77 -3.52 30.72
N PHE A 485 -26.84 -4.28 30.50
CA PHE A 485 -28.10 -3.69 30.05
C PHE A 485 -28.70 -2.73 31.07
N SER A 486 -28.66 -3.10 32.36
CA SER A 486 -29.22 -2.26 33.42
C SER A 486 -28.19 -1.35 34.07
N GLY A 487 -26.90 -1.69 33.93
CA GLY A 487 -25.82 -1.01 34.62
C GLY A 487 -25.43 -1.67 35.94
N ALA A 488 -26.24 -2.64 36.41
CA ALA A 488 -25.98 -3.30 37.69
C ALA A 488 -24.65 -4.04 37.67
N GLY A 489 -23.85 -3.79 38.70
CA GLY A 489 -22.59 -4.50 38.89
C GLY A 489 -21.44 -4.07 38.01
N LEU A 490 -21.62 -3.03 37.19
CA LEU A 490 -20.48 -2.48 36.41
C LEU A 490 -19.51 -1.71 37.31
N THR A 491 -18.21 -1.80 37.03
CA THR A 491 -17.22 -0.98 37.74
C THR A 491 -17.39 0.46 37.24
N SER A 492 -16.78 1.43 37.95
CA SER A 492 -16.85 2.82 37.49
C SER A 492 -16.23 3.00 36.10
N GLN A 493 -15.10 2.32 35.84
CA GLN A 493 -14.45 2.46 34.53
C GLN A 493 -15.33 1.86 33.42
N GLN A 494 -15.97 0.72 33.70
CA GLN A 494 -16.87 0.08 32.73
C GLN A 494 -18.04 0.96 32.40
N ARG A 495 -18.61 1.56 33.44
CA ARG A 495 -19.73 2.43 33.25
C ARG A 495 -19.31 3.69 32.50
N ALA A 496 -18.10 4.19 32.79
CA ALA A 496 -17.57 5.41 32.14
C ALA A 496 -17.42 5.13 30.62
N ALA A 497 -16.87 3.98 30.29
CA ALA A 497 -16.82 3.52 28.89
C ALA A 497 -18.20 3.52 28.22
N GLN A 498 -19.17 2.89 28.88
CA GLN A 498 -20.50 2.77 28.32
C GLN A 498 -21.16 4.12 28.13
N ASP A 499 -21.03 4.99 29.15
CA ASP A 499 -21.49 6.37 29.04
C ASP A 499 -20.88 7.11 27.83
N LEU A 500 -19.57 6.91 27.60
CA LEU A 500 -18.88 7.61 26.53
C LEU A 500 -19.35 7.12 25.17
N VAL A 501 -19.54 5.80 25.07
CA VAL A 501 -20.07 5.23 23.84
C VAL A 501 -21.47 5.80 23.54
N ARG A 502 -22.35 5.79 24.55
CA ARG A 502 -23.71 6.32 24.38
C ARG A 502 -23.68 7.81 24.02
N LYS A 503 -22.81 8.57 24.68
CA LYS A 503 -22.67 10.01 24.41
C LYS A 503 -22.23 10.27 22.98
N LEU A 504 -21.12 9.63 22.58
CA LEU A 504 -20.59 9.82 21.23
C LEU A 504 -21.45 9.29 20.11
N ALA A 505 -22.01 8.09 20.26
CA ALA A 505 -22.83 7.52 19.20
C ALA A 505 -24.14 8.32 18.99
N ASN A 506 -24.75 8.74 20.09
CA ASN A 506 -25.96 9.57 19.95
C ASN A 506 -25.67 10.94 19.35
N TRP A 507 -24.59 11.56 19.79
CA TRP A 507 -24.12 12.81 19.18
C TRP A 507 -23.87 12.62 17.69
N ARG A 508 -23.16 11.54 17.35
CA ARG A 508 -22.82 11.30 15.94
C ARG A 508 -24.03 11.23 15.00
N LYS A 509 -25.13 10.65 15.47
CA LYS A 509 -26.34 10.52 14.66
C LYS A 509 -26.81 11.88 14.13
N ASN A 510 -26.52 12.92 14.91
CA ASN A 510 -26.93 14.28 14.61
C ASN A 510 -25.84 15.18 14.00
N GLN A 511 -24.81 14.56 13.41
CA GLN A 511 -23.71 15.33 12.89
C GLN A 511 -23.51 15.07 11.42
N PRO A 512 -24.31 15.76 10.59
CA PRO A 512 -24.09 15.68 9.14
C PRO A 512 -22.65 15.97 8.71
N VAL A 513 -21.94 16.84 9.43
CA VAL A 513 -20.55 17.16 9.07
C VAL A 513 -19.65 15.90 9.16
N ILE A 514 -20.00 14.96 10.03
CA ILE A 514 -19.23 13.69 10.14
C ILE A 514 -19.66 12.72 9.02
N HIS A 515 -20.95 12.77 8.68
CA HIS A 515 -21.51 11.86 7.68
C HIS A 515 -21.04 12.21 6.28
N ASN A 516 -20.93 13.50 5.98
CA ASN A 516 -20.64 13.88 4.61
C ASN A 516 -19.79 15.13 4.46
N GLY A 517 -19.34 15.68 5.57
CA GLY A 517 -18.40 16.78 5.54
C GLY A 517 -17.02 16.36 5.02
N ARG A 518 -16.22 17.35 4.70
CA ARG A 518 -14.82 17.10 4.35
C ARG A 518 -14.00 16.70 5.57
N LEU A 519 -12.84 16.12 5.26
CA LEU A 519 -11.80 15.83 6.23
C LEU A 519 -10.53 16.57 5.78
N MET A 520 -9.93 17.30 6.72
CA MET A 520 -8.55 17.74 6.53
C MET A 520 -7.78 17.31 7.77
N HIS A 521 -6.76 16.50 7.56
CA HIS A 521 -5.88 16.11 8.67
C HIS A 521 -4.50 16.72 8.52
N PHE A 522 -3.78 16.79 9.65
CA PHE A 522 -2.42 17.26 9.69
C PHE A 522 -1.49 16.11 10.02
N GLY A 523 -0.28 16.13 9.48
CA GLY A 523 0.72 15.11 9.79
C GLY A 523 0.93 15.07 11.30
N PRO A 524 0.85 13.89 11.91
CA PRO A 524 1.15 13.83 13.35
C PRO A 524 2.60 14.15 13.64
N GLU A 525 2.84 14.78 14.79
CA GLU A 525 4.18 15.19 15.20
C GLU A 525 4.33 14.80 16.66
N GLU A 526 5.34 13.97 16.93
CA GLU A 526 5.58 13.43 18.27
C GLU A 526 4.33 12.83 18.88
N ASN A 527 3.59 12.05 18.07
CA ASN A 527 2.41 11.34 18.52
C ASN A 527 1.28 12.26 19.01
N THR A 528 1.21 13.46 18.44
CA THR A 528 0.04 14.30 18.58
C THR A 528 -0.55 14.42 17.19
N TRP A 529 -1.87 14.50 17.13
CA TRP A 529 -2.55 14.48 15.84
C TRP A 529 -3.78 15.36 15.88
N VAL A 530 -3.90 16.21 14.87
CA VAL A 530 -5.02 17.09 14.72
C VAL A 530 -5.67 16.86 13.37
N TYR A 531 -6.98 16.75 13.37
CA TYR A 531 -7.75 16.74 12.14
C TYR A 531 -9.09 17.44 12.33
N PHE A 532 -9.70 17.78 11.19
CA PHE A 532 -10.98 18.49 11.16
C PHE A 532 -11.96 17.79 10.25
N ARG A 533 -13.21 17.71 10.70
CA ARG A 533 -14.32 17.50 9.76
C ARG A 533 -14.96 18.87 9.54
N TYR A 534 -15.26 19.21 8.30
CA TYR A 534 -15.70 20.58 8.05
C TYR A 534 -16.64 20.72 6.86
N ASN A 535 -17.52 21.70 6.98
CA ASN A 535 -18.33 22.19 5.85
C ASN A 535 -18.73 23.62 6.19
N LYS A 536 -19.60 24.23 5.40
CA LYS A 536 -19.93 25.65 5.64
C LYS A 536 -20.69 25.88 6.96
N ASP A 537 -21.26 24.82 7.53
CA ASP A 537 -22.13 24.94 8.72
C ASP A 537 -21.42 24.63 10.03
N LYS A 538 -20.39 23.80 9.98
CA LYS A 538 -19.75 23.37 11.23
C LYS A 538 -18.35 22.87 11.00
N ARG A 539 -17.49 23.08 12.00
CA ARG A 539 -16.19 22.42 12.03
C ARG A 539 -16.11 21.59 13.28
N ILE A 540 -15.53 20.39 13.15
CA ILE A 540 -15.24 19.60 14.35
C ILE A 540 -13.75 19.34 14.29
N MET A 541 -13.07 19.78 15.34
CA MET A 541 -11.64 19.65 15.45
C MET A 541 -11.32 18.55 16.46
N VAL A 542 -10.69 17.48 15.98
CA VAL A 542 -10.22 16.44 16.90
C VAL A 542 -8.72 16.61 17.14
N ALA A 543 -8.31 16.57 18.41
CA ALA A 543 -6.88 16.65 18.72
C ALA A 543 -6.59 15.62 19.80
N MET A 544 -5.58 14.79 19.55
CA MET A 544 -5.22 13.75 20.50
C MET A 544 -3.73 13.81 20.82
N ASN A 545 -3.44 13.62 22.11
CA ASN A 545 -2.08 13.63 22.58
C ASN A 545 -1.74 12.23 23.07
N ASN A 546 -1.13 11.43 22.17
CA ASN A 546 -0.85 10.01 22.42
C ASN A 546 0.53 9.92 23.10
N ASN A 547 0.64 10.56 24.27
CA ASN A 547 1.90 10.59 25.03
C ASN A 547 1.53 10.69 26.49
N ASP A 548 2.36 10.11 27.37
CA ASP A 548 2.19 10.30 28.83
C ASP A 548 2.90 11.56 29.37
N LYS A 549 2.78 12.65 28.64
CA LYS A 549 3.32 13.96 29.01
C LYS A 549 2.43 15.01 28.36
N PRO A 550 2.39 16.23 28.92
CA PRO A 550 1.61 17.27 28.24
C PRO A 550 2.30 17.70 26.96
N MET A 551 1.53 18.18 26.00
CA MET A 551 2.11 18.64 24.76
C MET A 551 1.41 19.91 24.37
N THR A 552 2.16 20.84 23.79
CA THR A 552 1.62 22.13 23.35
C THR A 552 1.81 22.28 21.86
N LEU A 553 0.69 22.53 21.17
CA LEU A 553 0.72 22.67 19.71
C LEU A 553 0.36 24.11 19.31
N PRO A 554 1.33 24.83 18.74
CA PRO A 554 1.06 26.17 18.17
C PRO A 554 -0.11 26.08 17.17
N THR A 555 -1.08 26.96 17.28
CA THR A 555 -2.22 26.91 16.37
C THR A 555 -2.00 27.61 15.03
N ALA A 556 -0.88 28.33 14.86
CA ALA A 556 -0.58 28.91 13.54
C ALA A 556 -0.63 27.82 12.45
N ARG A 557 -0.13 26.63 12.82
CA ARG A 557 -0.07 25.50 11.89
C ARG A 557 -1.44 25.19 11.27
N PHE A 558 -2.50 25.37 12.05
CA PHE A 558 -3.83 24.89 11.67
C PHE A 558 -4.74 25.97 11.11
N GLN A 559 -4.16 27.12 10.78
CA GLN A 559 -4.99 28.30 10.44
C GLN A 559 -5.89 28.16 9.21
N GLU A 560 -5.54 27.28 8.26
CA GLU A 560 -6.42 27.11 7.09
C GLU A 560 -7.75 26.49 7.49
N MET A 561 -7.74 25.81 8.64
CA MET A 561 -8.96 25.27 9.22
C MET A 561 -9.53 26.15 10.34
N LEU A 562 -8.66 26.79 11.13
CA LEU A 562 -9.14 27.54 12.29
C LEU A 562 -9.62 28.96 11.93
N LYS A 563 -8.97 29.56 10.94
CA LYS A 563 -9.31 30.90 10.46
C LYS A 563 -9.50 31.88 11.62
N GLY A 564 -8.55 31.88 12.53
CA GLY A 564 -8.55 32.81 13.68
C GLY A 564 -9.50 32.53 14.83
N ALA A 565 -10.16 31.36 14.84
CA ALA A 565 -11.04 31.01 15.96
C ALA A 565 -10.27 31.14 17.26
N PRO A 566 -10.79 31.93 18.22
CA PRO A 566 -10.02 32.14 19.44
C PRO A 566 -10.10 30.97 20.44
N SER A 567 -11.14 30.15 20.29
CA SER A 567 -11.43 29.05 21.22
C SER A 567 -12.65 28.27 20.73
N GLY A 568 -12.88 27.11 21.35
CA GLY A 568 -14.09 26.35 21.09
C GLY A 568 -14.37 25.47 22.28
N VAL A 569 -15.60 25.00 22.38
CA VAL A 569 -16.02 24.09 23.44
C VAL A 569 -15.73 22.61 23.06
N ASP A 570 -14.99 21.94 23.93
CA ASP A 570 -14.73 20.51 23.81
C ASP A 570 -16.01 19.74 24.20
N PHE A 571 -16.53 18.96 23.26
CA PHE A 571 -17.78 18.22 23.50
C PHE A 571 -17.61 17.20 24.64
N LEU A 572 -16.41 16.67 24.80
CA LEU A 572 -16.15 15.62 25.77
C LEU A 572 -16.25 16.16 27.19
N SER A 573 -15.51 17.21 27.47
CA SER A 573 -15.43 17.77 28.83
C SER A 573 -16.42 18.91 29.06
N GLY A 574 -16.93 19.48 27.98
CA GLY A 574 -17.79 20.68 28.08
C GLY A 574 -17.01 21.96 28.35
N LYS A 575 -15.68 21.87 28.45
CA LYS A 575 -14.81 22.99 28.73
C LYS A 575 -14.52 23.78 27.45
N THR A 576 -14.34 25.08 27.60
CA THR A 576 -13.82 25.93 26.54
C THR A 576 -12.29 25.74 26.41
N VAL A 577 -11.83 25.47 25.20
CA VAL A 577 -10.43 25.22 24.93
C VAL A 577 -9.86 26.39 24.13
N GLY A 578 -8.73 26.97 24.58
CA GLY A 578 -8.10 28.10 23.90
C GLY A 578 -7.43 27.66 22.61
N LEU A 579 -7.52 28.51 21.58
CA LEU A 579 -6.95 28.19 20.27
C LEU A 579 -6.26 29.37 19.62
N GLY A 580 -6.25 30.52 20.32
CA GLY A 580 -5.65 31.73 19.78
C GLY A 580 -4.20 31.62 19.34
N ARG A 581 -3.34 31.06 20.19
CA ARG A 581 -1.93 30.91 19.82
C ARG A 581 -1.40 29.47 19.97
N GLU A 582 -2.02 28.70 20.86
CA GLU A 582 -1.58 27.33 21.10
C GLU A 582 -2.69 26.49 21.69
N LEU A 583 -2.59 25.20 21.42
CA LEU A 583 -3.50 24.23 21.98
C LEU A 583 -2.71 23.39 22.98
N ARG A 584 -3.12 23.48 24.25
CA ARG A 584 -2.46 22.77 25.35
C ARG A 584 -3.14 21.45 25.71
N LEU A 585 -2.51 20.35 25.32
CA LEU A 585 -3.06 19.05 25.60
C LEU A 585 -2.46 18.40 26.84
N ALA A 586 -3.31 17.96 27.76
CA ALA A 586 -2.87 17.21 28.93
C ALA A 586 -2.38 15.82 28.50
N PRO A 587 -1.61 15.14 29.37
CA PRO A 587 -1.16 13.78 29.05
C PRO A 587 -2.32 12.88 28.61
N LYS A 588 -2.11 12.13 27.53
CA LYS A 588 -3.05 11.11 27.06
C LYS A 588 -4.48 11.65 26.84
N SER A 589 -4.57 12.88 26.36
CA SER A 589 -5.88 13.53 26.22
C SER A 589 -6.36 13.49 24.80
N VAL A 590 -7.67 13.62 24.66
CA VAL A 590 -8.31 13.85 23.36
C VAL A 590 -9.45 14.86 23.56
N VAL A 591 -9.55 15.81 22.64
CA VAL A 591 -10.63 16.82 22.68
C VAL A 591 -11.38 16.77 21.36
N VAL A 592 -12.65 17.16 21.39
CA VAL A 592 -13.49 17.17 20.22
C VAL A 592 -14.16 18.55 20.24
N ILE A 593 -13.47 19.51 19.65
CA ILE A 593 -13.83 20.93 19.77
C ILE A 593 -14.81 21.24 18.64
N GLU A 594 -15.95 21.81 19.03
CA GLU A 594 -17.00 22.14 18.06
C GLU A 594 -16.99 23.65 17.77
N LEU A 595 -17.02 23.95 16.48
CA LEU A 595 -16.79 25.31 15.99
C LEU A 595 -17.80 25.70 14.93
N PRO A 596 -17.91 27.01 14.66
CA PRO A 596 -18.79 27.42 13.56
C PRO A 596 -18.28 26.90 12.23
N GLY A 597 -19.13 27.03 11.22
CA GLY A 597 -18.76 26.68 9.86
C GLY A 597 -17.48 27.30 9.32
N LEU A 598 -16.96 26.67 8.27
CA LEU A 598 -15.85 27.20 7.53
C LEU A 598 -16.39 27.74 6.20
N PRO A 599 -16.21 29.03 5.93
CA PRO A 599 -16.65 29.60 4.64
C PRO A 599 -16.10 28.87 3.39
N PRO B 3 33.74 41.54 -5.98
CA PRO B 3 34.00 40.66 -7.12
C PRO B 3 34.88 41.30 -8.23
N THR B 4 35.53 40.43 -9.02
CA THR B 4 36.40 40.84 -10.13
C THR B 4 35.71 40.69 -11.50
N ALA B 5 35.14 41.79 -11.97
CA ALA B 5 34.42 41.87 -13.25
C ALA B 5 33.20 40.94 -13.24
N ILE B 6 33.28 39.85 -14.00
CA ILE B 6 32.26 38.79 -13.96
C ILE B 6 32.84 37.63 -13.13
N GLU B 7 32.34 37.48 -11.91
CA GLU B 7 32.75 36.39 -11.02
C GLU B 7 32.26 35.01 -11.49
N HIS B 8 30.94 34.87 -11.63
CA HIS B 8 30.34 33.62 -12.14
C HIS B 8 29.49 33.89 -13.38
N MET B 9 29.65 33.03 -14.39
CA MET B 9 28.77 32.95 -15.56
C MET B 9 28.24 31.50 -15.62
N GLU B 10 26.91 31.35 -15.52
CA GLU B 10 26.30 30.01 -15.37
C GLU B 10 25.02 29.82 -16.21
N PRO B 11 24.97 28.80 -17.10
CA PRO B 11 26.08 27.90 -17.47
C PRO B 11 27.21 28.66 -18.18
N PRO B 12 28.46 28.18 -18.05
CA PRO B 12 29.64 28.90 -18.55
C PRO B 12 29.82 28.82 -20.07
N PHE B 13 29.18 27.83 -20.67
CA PHE B 13 29.13 27.61 -22.10
C PHE B 13 27.93 26.71 -22.34
N TRP B 14 27.55 26.56 -23.61
CA TRP B 14 26.39 25.75 -23.98
C TRP B 14 26.68 25.05 -25.31
N TRP B 15 25.62 24.55 -25.92
CA TRP B 15 25.73 23.76 -27.14
C TRP B 15 24.77 24.32 -28.15
N ALA B 16 25.22 24.30 -29.40
CA ALA B 16 24.36 24.43 -30.56
C ALA B 16 23.52 23.15 -30.66
N GLY B 17 22.27 23.30 -31.10
CA GLY B 17 21.48 22.14 -31.48
C GLY B 17 20.81 21.41 -30.32
N MET B 18 20.55 22.12 -29.24
CA MET B 18 19.75 21.57 -28.13
C MET B 18 18.27 21.62 -28.51
N GLN B 19 17.46 20.83 -27.81
CA GLN B 19 16.03 20.80 -28.03
C GLN B 19 15.34 22.14 -27.66
N HIS B 20 15.56 22.59 -26.43
CA HIS B 20 15.03 23.84 -25.94
C HIS B 20 15.96 24.95 -26.45
N LYS B 21 15.40 25.90 -27.21
CA LYS B 21 16.22 26.95 -27.84
C LYS B 21 16.66 27.98 -26.82
N GLY B 22 15.80 28.23 -25.85
CA GLY B 22 16.05 29.20 -24.79
C GLY B 22 17.25 28.86 -23.94
N LEU B 23 18.03 29.88 -23.61
CA LEU B 23 19.16 29.75 -22.67
C LEU B 23 19.18 30.96 -21.78
N GLN B 24 19.16 30.72 -20.48
CA GLN B 24 19.19 31.80 -19.50
C GLN B 24 20.51 31.79 -18.75
N LEU B 25 21.27 32.88 -18.91
CA LEU B 25 22.57 33.02 -18.29
C LEU B 25 22.42 33.76 -16.99
N MET B 26 23.00 33.18 -15.95
CA MET B 26 23.00 33.83 -14.66
C MET B 26 24.41 34.37 -14.40
N VAL B 27 24.51 35.70 -14.46
CA VAL B 27 25.79 36.41 -14.39
C VAL B 27 25.92 37.01 -13.03
N HIS B 28 27.12 36.88 -12.44
CA HIS B 28 27.37 37.39 -11.12
C HIS B 28 28.67 38.18 -11.09
N GLY B 29 28.62 39.32 -10.41
CA GLY B 29 29.79 40.19 -10.20
C GLY B 29 29.33 41.54 -9.69
N ARG B 30 30.24 42.31 -9.08
CA ARG B 30 29.87 43.63 -8.53
C ARG B 30 29.26 44.55 -9.60
N ASP B 31 28.04 45.02 -9.31
CA ASP B 31 27.30 45.97 -10.17
C ASP B 31 27.04 45.50 -11.60
N ILE B 32 27.08 44.18 -11.82
CA ILE B 32 26.83 43.62 -13.14
C ILE B 32 25.35 43.79 -13.51
N GLY B 33 24.50 43.78 -12.48
CA GLY B 33 23.07 44.02 -12.63
C GLY B 33 22.77 45.40 -13.20
N ARG B 34 23.74 46.29 -13.09
CA ARG B 34 23.64 47.65 -13.63
C ARG B 34 23.98 47.73 -15.11
N MET B 35 24.64 46.70 -15.64
CA MET B 35 25.02 46.66 -17.06
C MET B 35 23.85 46.27 -17.95
N GLU B 36 24.07 46.42 -19.26
CA GLU B 36 23.16 45.97 -20.30
C GLU B 36 23.97 45.11 -21.26
N ALA B 37 23.45 43.92 -21.57
CA ALA B 37 24.14 42.96 -22.45
C ALA B 37 23.87 43.22 -23.94
N ALA B 38 24.86 42.91 -24.76
CA ALA B 38 24.76 43.02 -26.20
C ALA B 38 25.61 41.93 -26.85
N LEU B 39 25.16 41.46 -28.00
CA LEU B 39 25.88 40.43 -28.74
C LEU B 39 25.46 40.46 -30.21
N ASP B 40 26.30 39.91 -31.05
CA ASP B 40 25.96 39.73 -32.45
C ASP B 40 26.53 38.41 -32.93
N TYR B 41 25.65 37.42 -33.06
CA TYR B 41 26.07 36.12 -33.55
C TYR B 41 24.93 35.48 -34.31
N PRO B 42 25.22 34.94 -35.51
CA PRO B 42 24.14 34.40 -36.34
C PRO B 42 23.43 33.27 -35.62
N GLY B 43 22.10 33.39 -35.53
CA GLY B 43 21.25 32.38 -34.91
C GLY B 43 20.92 32.64 -33.45
N VAL B 44 21.66 33.56 -32.82
CA VAL B 44 21.47 33.85 -31.41
C VAL B 44 20.82 35.20 -31.22
N ARG B 45 19.66 35.19 -30.56
CA ARG B 45 18.89 36.39 -30.28
C ARG B 45 18.93 36.73 -28.80
N LEU B 46 19.17 38.01 -28.51
CA LEU B 46 19.13 38.51 -27.15
C LEU B 46 17.73 39.01 -26.86
N VAL B 47 17.12 38.49 -25.81
CA VAL B 47 15.80 38.91 -25.39
C VAL B 47 15.92 40.17 -24.50
N SER B 48 14.92 41.05 -24.61
CA SER B 48 14.86 42.28 -23.83
C SER B 48 14.87 41.99 -22.32
N PRO B 49 15.69 42.74 -21.54
CA PRO B 49 16.04 42.47 -20.14
C PRO B 49 14.86 42.37 -19.16
N THR B 50 15.03 41.55 -18.13
CA THR B 50 14.20 41.59 -16.91
C THR B 50 15.13 41.76 -15.72
N ARG B 51 14.95 42.83 -14.96
CA ARG B 51 15.96 43.26 -13.99
C ARG B 51 15.55 43.04 -12.54
N VAL B 52 16.37 42.26 -11.83
CA VAL B 52 16.19 42.01 -10.40
C VAL B 52 16.84 43.16 -9.61
N PRO B 53 16.30 43.46 -8.41
CA PRO B 53 16.85 44.56 -7.59
C PRO B 53 18.30 44.34 -7.11
N ASN B 54 18.80 43.10 -7.13
CA ASN B 54 20.19 42.85 -6.75
C ASN B 54 21.18 43.23 -7.84
N ALA B 55 21.91 44.31 -7.56
CA ALA B 55 22.93 44.89 -8.44
C ALA B 55 24.08 43.94 -8.81
N ASN B 56 24.26 42.86 -8.04
CA ASN B 56 25.36 41.93 -8.28
C ASN B 56 25.04 40.75 -9.20
N TYR B 57 23.82 40.71 -9.72
CA TYR B 57 23.38 39.66 -10.62
C TYR B 57 22.68 40.20 -11.85
N LEU B 58 22.86 39.51 -12.96
CA LEU B 58 22.11 39.81 -14.17
C LEU B 58 21.71 38.51 -14.82
N PHE B 59 20.43 38.40 -15.19
CA PHE B 59 19.96 37.24 -15.92
C PHE B 59 19.76 37.62 -17.38
N VAL B 60 20.46 36.93 -18.26
CA VAL B 60 20.46 37.25 -19.68
C VAL B 60 19.75 36.14 -20.44
N ASP B 61 18.65 36.49 -21.13
CA ASP B 61 17.89 35.52 -21.91
C ASP B 61 18.30 35.50 -23.38
N LEU B 62 18.68 34.32 -23.84
CA LEU B 62 19.07 34.10 -25.22
C LEU B 62 18.11 33.10 -25.84
N GLU B 63 17.92 33.24 -27.16
CA GLU B 63 17.24 32.23 -27.94
C GLU B 63 18.18 31.75 -29.03
N ILE B 64 18.63 30.52 -28.87
CA ILE B 64 19.59 29.93 -29.80
C ILE B 64 18.84 29.10 -30.84
N GLY B 65 18.64 29.70 -32.03
CA GLY B 65 17.92 29.04 -33.11
C GLY B 65 18.72 27.88 -33.66
N PRO B 66 18.05 26.95 -34.36
CA PRO B 66 18.75 25.77 -34.89
C PRO B 66 19.84 26.11 -35.92
N GLU B 67 19.77 27.32 -36.48
CA GLU B 67 20.76 27.82 -37.45
C GLU B 67 22.08 28.29 -36.82
N ALA B 68 22.06 28.52 -35.49
CA ALA B 68 23.29 28.84 -34.74
C ALA B 68 24.29 27.70 -34.86
N GLN B 69 25.49 28.03 -35.31
CA GLN B 69 26.57 27.08 -35.49
C GLN B 69 27.44 27.08 -34.25
N PRO B 70 28.17 25.96 -34.03
CA PRO B 70 29.17 25.98 -32.97
C PRO B 70 30.22 27.06 -33.27
N GLY B 71 30.63 27.75 -32.22
CA GLY B 71 31.61 28.82 -32.31
C GLY B 71 31.54 29.65 -31.05
N SER B 72 32.06 30.87 -31.13
CA SER B 72 32.07 31.76 -29.98
C SER B 72 31.68 33.17 -30.39
N PHE B 73 31.17 33.91 -29.43
CA PHE B 73 30.78 35.29 -29.63
C PHE B 73 30.95 35.99 -28.30
N ASP B 74 31.24 37.28 -28.34
CA ASP B 74 31.39 38.05 -27.11
C ASP B 74 30.05 38.56 -26.65
N ILE B 75 29.79 38.40 -25.36
CA ILE B 75 28.67 39.09 -24.73
C ILE B 75 29.30 40.27 -24.03
N VAL B 76 28.86 41.47 -24.42
CA VAL B 76 29.38 42.70 -23.83
C VAL B 76 28.38 43.27 -22.82
N PHE B 77 28.90 43.70 -21.67
CA PHE B 77 28.08 44.25 -20.60
C PHE B 77 28.46 45.71 -20.34
N LYS B 78 27.61 46.61 -20.81
CA LYS B 78 27.89 48.04 -20.78
C LYS B 78 27.03 48.72 -19.73
N GLY B 79 27.64 49.60 -18.95
CA GLY B 79 26.90 50.42 -17.99
C GLY B 79 27.81 51.31 -17.19
N ASP B 80 27.28 52.48 -16.80
CA ASP B 80 28.01 53.46 -15.97
C ASP B 80 29.38 53.89 -16.54
N GLY B 81 29.50 53.91 -17.87
CA GLY B 81 30.75 54.27 -18.53
C GLY B 81 31.78 53.15 -18.59
N ARG B 82 31.43 51.97 -18.08
CA ARG B 82 32.32 50.80 -18.20
C ARG B 82 31.74 49.70 -19.08
N SER B 83 32.61 48.77 -19.47
CA SER B 83 32.31 47.75 -20.44
C SER B 83 33.03 46.47 -20.05
N GLU B 84 32.26 45.41 -19.82
CA GLU B 84 32.81 44.10 -19.46
C GLU B 84 32.49 43.10 -20.57
N ARG B 85 33.40 42.16 -20.80
CA ARG B 85 33.21 41.16 -21.87
C ARG B 85 33.20 39.73 -21.33
N TYR B 86 32.51 38.84 -22.04
CA TYR B 86 32.58 37.40 -21.81
C TYR B 86 32.45 36.68 -23.14
N ARG B 87 33.51 35.95 -23.54
CA ARG B 87 33.51 35.16 -24.78
C ARG B 87 32.69 33.88 -24.55
N TYR B 88 31.45 33.89 -25.06
CA TYR B 88 30.55 32.74 -24.90
C TYR B 88 30.72 31.70 -26.00
N ARG B 89 30.84 30.44 -25.59
CA ARG B 89 31.10 29.36 -26.52
C ARG B 89 29.88 28.44 -26.67
N LEU B 90 29.55 28.12 -27.92
CA LEU B 90 28.57 27.13 -28.27
C LEU B 90 29.34 25.94 -28.78
N LEU B 91 29.28 24.84 -28.04
CA LEU B 91 29.98 23.62 -28.43
C LEU B 91 29.17 22.84 -29.44
N ALA B 92 29.86 22.17 -30.36
CA ALA B 92 29.25 21.14 -31.18
C ALA B 92 28.95 19.93 -30.29
N ARG B 93 27.74 19.40 -30.41
CA ARG B 93 27.35 18.21 -29.69
C ARG B 93 27.93 16.95 -30.31
N GLU B 94 28.26 15.99 -29.47
CA GLU B 94 28.74 14.69 -29.95
C GLU B 94 27.67 13.97 -30.75
N GLN B 95 28.08 13.22 -31.77
CA GLN B 95 27.13 12.44 -32.57
C GLN B 95 26.37 11.47 -31.69
N GLY B 96 25.05 11.50 -31.82
CA GLY B 96 24.18 10.63 -31.02
C GLY B 96 23.90 11.09 -29.60
N SER B 97 24.34 12.32 -29.26
CA SER B 97 24.13 12.85 -27.91
C SER B 97 22.68 12.78 -27.42
N ALA B 98 21.77 13.37 -28.18
CA ALA B 98 20.39 13.46 -27.71
C ALA B 98 19.81 12.07 -27.49
N GLN B 99 20.19 11.12 -28.35
CA GLN B 99 19.63 9.77 -28.32
C GLN B 99 20.35 8.81 -27.37
N ARG B 100 21.30 9.32 -26.60
CA ARG B 100 22.06 8.48 -25.65
C ARG B 100 21.16 7.47 -24.90
N GLN B 101 21.61 6.23 -24.80
CA GLN B 101 20.84 5.20 -24.14
C GLN B 101 21.04 5.33 -22.62
N GLY B 102 19.97 5.66 -21.89
CA GLY B 102 20.01 5.63 -20.42
C GLY B 102 20.15 4.24 -19.83
N PHE B 103 20.53 4.15 -18.56
CA PHE B 103 20.62 2.86 -17.92
C PHE B 103 19.23 2.22 -17.89
N GLY B 104 19.19 0.90 -17.96
CA GLY B 104 17.91 0.17 -18.00
C GLY B 104 18.02 -1.22 -17.41
N PRO B 105 16.99 -2.06 -17.63
CA PRO B 105 16.93 -3.38 -16.99
C PRO B 105 18.10 -4.33 -17.30
N GLY B 106 18.78 -4.16 -18.43
CA GLY B 106 19.97 -4.96 -18.72
C GLY B 106 21.22 -4.55 -17.96
N ASP B 107 21.18 -3.39 -17.30
CA ASP B 107 22.32 -2.86 -16.57
C ASP B 107 22.36 -3.31 -15.13
N ALA B 108 23.52 -3.15 -14.52
CA ALA B 108 23.66 -3.30 -13.08
C ALA B 108 24.53 -2.16 -12.57
N ILE B 109 24.03 -1.50 -11.52
CA ILE B 109 24.64 -0.23 -11.09
C ILE B 109 25.49 -0.51 -9.85
N TYR B 110 26.75 -0.07 -9.90
CA TYR B 110 27.61 -0.06 -8.72
C TYR B 110 27.67 1.35 -8.11
N GLN B 111 27.32 1.43 -6.83
CA GLN B 111 27.25 2.71 -6.14
C GLN B 111 28.49 2.90 -5.24
N ILE B 112 29.11 4.08 -5.33
CA ILE B 112 30.17 4.44 -4.39
C ILE B 112 29.92 5.80 -3.73
N MET B 113 30.53 6.03 -2.58
CA MET B 113 30.78 7.40 -2.13
C MET B 113 32.23 7.73 -2.49
N PRO B 114 32.45 8.77 -3.33
CA PRO B 114 33.81 9.06 -3.81
C PRO B 114 34.84 9.26 -2.69
N ASP B 115 34.45 9.92 -1.59
CA ASP B 115 35.42 10.13 -0.49
C ASP B 115 35.85 8.82 0.19
N ARG B 116 35.04 7.78 0.04
CA ARG B 116 35.18 6.56 0.81
C ARG B 116 35.61 5.34 0.03
N PHE B 117 35.82 5.50 -1.27
CA PHE B 117 36.12 4.38 -2.13
C PHE B 117 37.64 4.20 -2.30
N ALA B 118 38.28 5.17 -2.96
CA ALA B 118 39.73 5.03 -3.21
C ALA B 118 40.45 6.37 -3.27
N ASN B 119 41.50 6.48 -2.46
CA ASN B 119 42.32 7.67 -2.41
C ASN B 119 43.52 7.48 -3.35
N GLY B 120 43.30 7.83 -4.61
CA GLY B 120 44.33 7.67 -5.66
C GLY B 120 45.39 8.76 -5.56
N ASP B 121 45.05 9.88 -4.92
CA ASP B 121 45.92 11.03 -4.84
C ASP B 121 45.86 11.65 -3.45
N PRO B 122 46.75 11.23 -2.55
CA PRO B 122 46.72 11.81 -1.20
C PRO B 122 46.95 13.34 -1.13
N SER B 123 47.58 13.90 -2.16
CA SER B 123 47.90 15.34 -2.14
C SER B 123 46.68 16.27 -2.22
N ASN B 124 45.56 15.77 -2.72
CA ASN B 124 44.33 16.57 -2.75
C ASN B 124 43.38 16.34 -1.56
N ASP B 125 43.81 15.57 -0.55
CA ASP B 125 42.97 15.32 0.62
C ASP B 125 42.57 16.64 1.27
N ASN B 126 43.51 17.58 1.31
CA ASN B 126 43.26 18.96 1.65
C ASN B 126 43.63 19.84 0.49
N VAL B 127 42.84 20.90 0.32
CA VAL B 127 43.06 21.90 -0.71
C VAL B 127 43.10 23.25 -0.01
N ALA B 128 44.20 23.97 -0.23
CA ALA B 128 44.42 25.25 0.40
C ALA B 128 43.23 26.17 0.13
N GLY B 129 42.71 26.77 1.20
CA GLY B 129 41.57 27.67 1.09
C GLY B 129 40.29 27.03 1.60
N MET B 130 40.21 25.70 1.55
CA MET B 130 38.99 25.00 1.95
C MET B 130 38.75 24.95 3.47
N ARG B 131 37.49 24.80 3.87
CA ARG B 131 37.07 24.99 5.26
C ARG B 131 37.28 23.76 6.14
N GLU B 132 37.47 22.59 5.53
CA GLU B 132 37.62 21.37 6.31
C GLU B 132 38.93 20.67 6.05
N GLN B 133 39.55 20.21 7.13
CA GLN B 133 40.74 19.38 7.07
C GLN B 133 40.38 17.90 7.10
N ALA B 134 41.06 17.11 6.26
CA ALA B 134 40.80 15.67 6.21
C ALA B 134 41.09 15.01 7.56
N ASP B 135 40.32 13.97 7.88
CA ASP B 135 40.55 13.19 9.09
C ASP B 135 40.00 11.79 8.86
N ARG B 136 40.90 10.88 8.48
CA ARG B 136 40.51 9.50 8.15
C ARG B 136 39.88 8.74 9.32
N ARG B 137 40.27 9.09 10.56
CA ARG B 137 39.74 8.39 11.76
C ARG B 137 38.38 8.94 12.23
N HIS B 138 37.93 10.05 11.66
CA HIS B 138 36.64 10.62 12.06
C HIS B 138 35.53 10.07 11.15
N GLY B 139 34.51 9.46 11.76
CA GLY B 139 33.42 8.81 11.00
C GLY B 139 32.68 9.76 10.06
N GLY B 140 32.59 11.03 10.47
CA GLY B 140 31.96 12.07 9.66
C GLY B 140 32.95 12.97 8.95
N GLY B 141 34.21 12.57 8.90
CA GLY B 141 35.27 13.41 8.27
C GLY B 141 35.53 13.06 6.81
N ARG B 142 36.44 13.81 6.18
CA ARG B 142 36.91 13.47 4.83
C ARG B 142 38.06 12.51 4.97
N HIS B 143 37.99 11.42 4.23
CA HIS B 143 39.01 10.38 4.30
C HIS B 143 39.98 10.42 3.13
N GLY B 144 39.58 11.10 2.06
CA GLY B 144 40.48 11.44 0.99
C GLY B 144 40.26 10.72 -0.32
N GLY B 145 39.16 9.96 -0.46
CA GLY B 145 38.90 9.27 -1.73
C GLY B 145 38.65 10.30 -2.82
N ASP B 146 39.00 9.95 -4.05
CA ASP B 146 38.98 10.94 -5.13
C ASP B 146 38.76 10.29 -6.50
N ILE B 147 38.66 11.13 -7.54
CA ILE B 147 38.42 10.62 -8.89
C ILE B 147 39.54 9.73 -9.42
N ARG B 148 40.79 10.16 -9.18
CA ARG B 148 41.94 9.34 -9.55
C ARG B 148 41.81 7.91 -9.01
N GLY B 149 41.48 7.80 -7.72
CA GLY B 149 41.24 6.49 -7.10
C GLY B 149 40.10 5.71 -7.76
N THR B 150 38.98 6.37 -7.98
CA THR B 150 37.88 5.73 -8.72
C THR B 150 38.32 5.23 -10.10
N ILE B 151 38.97 6.10 -10.87
CA ILE B 151 39.47 5.71 -12.20
C ILE B 151 40.41 4.50 -12.13
N ASP B 152 41.29 4.50 -11.13
CA ASP B 152 42.27 3.42 -10.89
C ASP B 152 41.59 2.06 -10.81
N HIS B 153 40.34 2.05 -10.36
CA HIS B 153 39.66 0.80 -10.06
C HIS B 153 38.41 0.49 -10.90
N LEU B 154 38.25 1.20 -12.01
CA LEU B 154 37.20 0.86 -12.98
C LEU B 154 37.26 -0.57 -13.51
N ASP B 155 38.46 -1.09 -13.78
CA ASP B 155 38.61 -2.48 -14.21
C ASP B 155 37.98 -3.43 -13.20
N TYR B 156 38.18 -3.13 -11.92
CA TYR B 156 37.63 -3.96 -10.84
C TYR B 156 36.10 -3.94 -10.90
N ILE B 157 35.54 -2.74 -10.97
CA ILE B 157 34.07 -2.59 -10.99
C ILE B 157 33.49 -3.28 -12.24
N ALA B 158 34.10 -3.05 -13.40
CA ALA B 158 33.62 -3.66 -14.64
C ALA B 158 33.78 -5.17 -14.54
N GLY B 159 34.91 -5.61 -13.97
CA GLY B 159 35.19 -7.02 -13.76
C GLY B 159 34.16 -7.76 -12.91
N LEU B 160 33.57 -7.06 -11.96
CA LEU B 160 32.50 -7.61 -11.11
C LEU B 160 31.20 -7.87 -11.89
N GLY B 161 31.05 -7.24 -13.05
CA GLY B 161 29.85 -7.40 -13.86
C GLY B 161 28.94 -6.19 -13.90
N PHE B 162 29.42 -5.07 -13.33
CA PHE B 162 28.63 -3.85 -13.30
C PHE B 162 28.78 -3.03 -14.56
N THR B 163 27.70 -2.35 -14.94
CA THR B 163 27.65 -1.64 -16.22
C THR B 163 27.34 -0.15 -16.07
N GLN B 164 27.19 0.30 -14.83
CA GLN B 164 26.90 1.67 -14.53
C GLN B 164 27.57 1.98 -13.21
N LEU B 165 28.13 3.18 -13.13
CA LEU B 165 28.70 3.68 -11.89
C LEU B 165 27.88 4.85 -11.40
N TRP B 166 27.41 4.74 -10.15
CA TRP B 166 26.74 5.85 -9.49
C TRP B 166 27.53 6.33 -8.25
N PRO B 167 28.27 7.42 -8.42
CA PRO B 167 28.88 8.04 -7.24
C PRO B 167 27.96 9.08 -6.61
N THR B 168 27.93 9.10 -5.28
CA THR B 168 27.22 10.18 -4.58
C THR B 168 27.91 11.53 -4.98
N PRO B 169 27.26 12.69 -4.75
CA PRO B 169 27.68 13.93 -5.41
C PRO B 169 29.16 14.31 -5.21
N LEU B 170 29.78 14.75 -6.31
CA LEU B 170 31.17 15.19 -6.30
C LEU B 170 31.28 16.70 -6.38
N VAL B 171 30.15 17.38 -6.58
CA VAL B 171 30.16 18.84 -6.64
C VAL B 171 30.66 19.42 -5.31
N GLU B 172 31.35 20.55 -5.42
CA GLU B 172 31.84 21.27 -4.24
C GLU B 172 30.93 21.30 -3.01
N ASN B 173 31.46 20.83 -1.89
CA ASN B 173 30.82 20.96 -0.59
C ASN B 173 31.85 21.58 0.35
N ASP B 174 32.01 22.91 0.28
CA ASP B 174 33.02 23.59 1.11
C ASP B 174 32.45 23.94 2.47
N ALA B 175 32.18 22.92 3.27
CA ALA B 175 31.58 23.13 4.60
C ALA B 175 32.68 23.00 5.66
N ALA B 176 32.44 23.54 6.86
CA ALA B 176 33.38 23.42 8.00
C ALA B 176 33.42 21.99 8.58
N ALA B 177 32.32 21.26 8.42
CA ALA B 177 32.14 19.92 8.96
C ALA B 177 31.25 19.15 8.00
N TYR B 178 31.40 17.81 7.99
CA TYR B 178 30.61 16.91 7.14
C TYR B 178 30.54 17.31 5.67
N SER B 179 31.64 17.85 5.13
CA SER B 179 31.71 18.12 3.69
C SER B 179 31.75 16.82 2.85
N TYR B 180 32.17 15.72 3.46
CA TYR B 180 32.51 14.52 2.71
C TYR B 180 31.34 13.92 1.89
N HIS B 181 30.11 14.14 2.34
CA HIS B 181 29.01 13.33 1.77
C HIS B 181 28.45 13.90 0.46
N GLY B 182 28.73 15.17 0.19
CA GLY B 182 28.40 15.76 -1.10
C GLY B 182 27.00 16.33 -1.24
N TYR B 183 26.13 16.10 -0.27
CA TYR B 183 24.70 16.50 -0.39
C TYR B 183 24.33 17.94 -0.09
N ALA B 184 25.33 18.78 0.21
CA ALA B 184 25.10 20.18 0.52
C ALA B 184 25.96 21.06 -0.41
N ALA B 185 25.56 21.16 -1.68
CA ALA B 185 26.40 21.81 -2.72
C ALA B 185 26.69 23.26 -2.39
N THR B 186 27.96 23.66 -2.58
CA THR B 186 28.36 25.08 -2.43
C THR B 186 28.76 25.67 -3.79
N ASP B 187 28.82 24.83 -4.82
CA ASP B 187 29.04 25.25 -6.21
C ASP B 187 28.61 24.13 -7.14
N HIS B 188 27.43 24.32 -7.76
CA HIS B 188 26.85 23.33 -8.70
C HIS B 188 27.62 23.13 -10.01
N TYR B 189 28.48 24.09 -10.36
CA TYR B 189 29.27 24.00 -11.57
C TYR B 189 30.72 23.59 -11.35
N ARG B 190 31.03 23.12 -10.15
CA ARG B 190 32.40 22.76 -9.87
C ARG B 190 32.52 21.46 -9.06
N ILE B 191 33.34 20.53 -9.56
CA ILE B 191 33.79 19.35 -8.80
C ILE B 191 34.55 19.84 -7.56
N ASP B 192 34.24 19.26 -6.40
CA ASP B 192 35.01 19.60 -5.21
C ASP B 192 36.49 19.31 -5.52
N PRO B 193 37.36 20.32 -5.33
CA PRO B 193 38.79 20.16 -5.73
C PRO B 193 39.50 19.03 -4.99
N ARG B 194 38.94 18.58 -3.86
CA ARG B 194 39.53 17.41 -3.17
C ARG B 194 39.28 16.10 -3.94
N TYR B 195 38.25 16.07 -4.79
CA TYR B 195 38.05 14.94 -5.71
C TYR B 195 38.87 15.07 -6.98
N GLY B 196 39.08 16.32 -7.40
CA GLY B 196 39.79 16.62 -8.64
C GLY B 196 39.10 17.77 -9.36
N SER B 197 39.32 17.86 -10.67
CA SER B 197 38.75 18.97 -11.45
C SER B 197 37.48 18.55 -12.21
N ASN B 198 36.80 19.52 -12.83
CA ASN B 198 35.73 19.22 -13.79
C ASN B 198 36.20 18.29 -14.91
N GLU B 199 37.42 18.52 -15.39
CA GLU B 199 37.99 17.74 -16.49
C GLU B 199 38.21 16.28 -16.08
N ASP B 200 38.64 16.08 -14.82
CA ASP B 200 38.81 14.74 -14.22
C ASP B 200 37.49 13.96 -14.20
N PHE B 201 36.40 14.66 -13.91
CA PHE B 201 35.04 14.08 -13.91
C PHE B 201 34.63 13.63 -15.32
N VAL B 202 34.94 14.46 -16.33
CA VAL B 202 34.72 14.06 -17.71
C VAL B 202 35.56 12.82 -18.05
N ARG B 203 36.81 12.80 -17.60
CA ARG B 203 37.68 11.66 -17.85
C ARG B 203 37.18 10.38 -17.16
N LEU B 204 36.64 10.53 -15.96
CA LEU B 204 36.00 9.41 -15.28
C LEU B 204 34.90 8.82 -16.17
N SER B 205 34.05 9.68 -16.73
CA SER B 205 33.02 9.23 -17.67
C SER B 205 33.58 8.53 -18.90
N THR B 206 34.59 9.12 -19.53
CA THR B 206 35.16 8.50 -20.74
C THR B 206 35.89 7.18 -20.46
N GLU B 207 36.63 7.12 -19.36
CA GLU B 207 37.32 5.90 -18.94
C GLU B 207 36.32 4.78 -18.57
N ALA B 208 35.23 5.16 -17.90
CA ALA B 208 34.19 4.17 -17.58
C ALA B 208 33.59 3.62 -18.88
N ARG B 209 33.33 4.52 -19.83
CA ARG B 209 32.74 4.13 -21.10
C ARG B 209 33.61 3.13 -21.88
N LYS B 210 34.92 3.38 -21.85
CA LYS B 210 35.89 2.49 -22.49
C LYS B 210 35.76 1.10 -21.92
N ARG B 211 35.35 1.01 -20.65
CA ARG B 211 35.16 -0.28 -19.98
C ARG B 211 33.72 -0.81 -19.99
N GLY B 212 32.88 -0.27 -20.86
CA GLY B 212 31.49 -0.69 -20.99
C GLY B 212 30.54 -0.21 -19.87
N MET B 213 30.91 0.87 -19.20
CA MET B 213 30.11 1.39 -18.08
C MET B 213 29.63 2.80 -18.32
N GLY B 214 28.36 3.04 -17.97
CA GLY B 214 27.82 4.38 -17.96
C GLY B 214 28.12 5.05 -16.63
N LEU B 215 27.93 6.37 -16.59
CA LEU B 215 28.14 7.14 -15.38
C LEU B 215 26.85 7.88 -15.03
N ILE B 216 26.38 7.64 -13.80
CA ILE B 216 25.12 8.20 -13.33
C ILE B 216 25.40 9.24 -12.26
N GLN B 217 24.97 10.48 -12.50
CA GLN B 217 25.28 11.53 -11.53
C GLN B 217 24.19 11.68 -10.47
N ASP B 218 24.63 11.90 -9.23
CA ASP B 218 23.74 12.16 -8.10
C ASP B 218 23.43 13.66 -7.98
N VAL B 219 22.18 14.02 -8.25
CA VAL B 219 21.80 15.42 -8.22
C VAL B 219 20.86 15.78 -7.08
N VAL B 220 21.19 16.86 -6.39
CA VAL B 220 20.29 17.46 -5.42
C VAL B 220 19.62 18.66 -6.05
N LEU B 221 18.30 18.68 -5.95
CA LEU B 221 17.50 19.77 -6.52
C LEU B 221 16.90 20.65 -5.44
N SER B 222 16.51 20.05 -4.30
CA SER B 222 15.77 20.77 -3.28
C SER B 222 16.62 21.76 -2.47
N HIS B 223 17.88 21.43 -2.25
CA HIS B 223 18.70 22.20 -1.30
C HIS B 223 20.15 22.36 -1.70
N ILE B 224 20.78 23.31 -1.02
CA ILE B 224 22.21 23.57 -1.14
C ILE B 224 22.82 23.54 0.25
N GLY B 225 24.12 23.76 0.36
CA GLY B 225 24.77 23.90 1.67
C GLY B 225 24.75 25.36 2.11
N LYS B 226 24.84 25.57 3.41
CA LYS B 226 24.77 26.92 3.97
C LYS B 226 25.98 27.79 3.57
N HIS B 227 27.06 27.13 3.14
CA HIS B 227 28.29 27.84 2.72
C HIS B 227 28.33 28.13 1.22
N HIS B 228 27.24 27.84 0.51
CA HIS B 228 27.15 28.21 -0.89
C HIS B 228 27.33 29.73 -0.98
N TRP B 229 28.11 30.16 -1.97
CA TRP B 229 28.38 31.59 -2.18
C TRP B 229 27.13 32.45 -2.40
N TRP B 230 26.05 31.86 -2.93
CA TRP B 230 24.76 32.54 -2.95
C TRP B 230 24.33 33.08 -1.61
N MET B 231 24.68 32.38 -0.52
CA MET B 231 24.13 32.71 0.77
C MET B 231 24.69 34.01 1.33
N LYS B 232 25.82 34.44 0.79
CA LYS B 232 26.44 35.71 1.19
C LYS B 232 25.75 36.92 0.56
N ASP B 233 25.09 36.69 -0.57
CA ASP B 233 24.42 37.77 -1.32
C ASP B 233 23.32 37.14 -2.19
N LEU B 234 22.16 36.95 -1.59
CA LEU B 234 21.04 36.23 -2.18
C LEU B 234 20.66 36.84 -3.53
N PRO B 235 20.68 36.02 -4.61
CA PRO B 235 20.41 36.52 -5.96
C PRO B 235 19.08 37.27 -6.05
N THR B 236 18.05 36.73 -5.40
CA THR B 236 16.78 37.43 -5.20
C THR B 236 16.39 37.25 -3.74
N PRO B 237 15.50 38.11 -3.21
CA PRO B 237 14.98 37.95 -1.85
C PRO B 237 14.25 36.61 -1.61
N ASP B 238 13.66 36.05 -2.67
CA ASP B 238 12.94 34.75 -2.57
C ASP B 238 13.69 33.56 -3.19
N TRP B 239 14.99 33.70 -3.45
CA TRP B 239 15.78 32.61 -4.04
C TRP B 239 15.71 31.36 -3.13
N ILE B 240 15.83 31.61 -1.83
CA ILE B 240 15.74 30.58 -0.80
C ILE B 240 14.38 30.67 -0.13
N ASN B 241 13.74 29.51 0.07
CA ASN B 241 12.50 29.48 0.79
C ASN B 241 12.60 30.11 2.19
N TYR B 242 11.49 30.72 2.61
CA TYR B 242 11.37 31.38 3.91
C TYR B 242 12.34 32.57 4.09
N GLY B 243 12.51 33.31 2.99
CA GLY B 243 13.39 34.48 2.96
C GLY B 243 14.85 34.23 3.27
N GLY B 244 15.33 33.00 3.04
CA GLY B 244 16.71 32.65 3.33
C GLY B 244 17.00 32.33 4.79
N LYS B 245 15.96 32.26 5.59
CA LYS B 245 16.09 31.89 7.01
C LYS B 245 15.58 30.47 7.26
N PHE B 246 16.24 29.80 8.19
CA PHE B 246 15.92 28.43 8.51
C PHE B 246 14.50 28.26 9.08
N VAL B 247 13.66 27.51 8.35
CA VAL B 247 12.37 27.03 8.82
C VAL B 247 12.38 25.56 8.45
N PRO B 248 12.43 24.66 9.47
CA PRO B 248 12.59 23.24 9.18
C PRO B 248 11.36 22.59 8.54
N THR B 249 11.62 21.61 7.67
CA THR B 249 10.58 20.65 7.32
C THR B 249 10.34 19.64 8.45
N GLN B 250 9.08 19.22 8.58
CA GLN B 250 8.70 18.11 9.45
C GLN B 250 8.45 16.83 8.65
N HIS B 251 8.80 16.85 7.37
CA HIS B 251 8.86 15.61 6.55
C HIS B 251 7.54 14.86 6.34
N HIS B 252 6.44 15.60 6.20
CA HIS B 252 5.16 14.98 5.87
C HIS B 252 5.03 14.68 4.39
N ARG B 253 5.72 13.62 4.00
CA ARG B 253 5.88 13.36 2.59
C ARG B 253 4.59 13.08 1.87
N VAL B 254 3.66 12.44 2.55
CA VAL B 254 2.39 12.12 1.88
C VAL B 254 1.55 13.39 1.60
N ALA B 255 1.87 14.52 2.25
CA ALA B 255 1.07 15.76 2.14
C ALA B 255 0.98 16.32 0.72
N VAL B 256 1.95 15.98 -0.12
CA VAL B 256 1.89 16.41 -1.52
C VAL B 256 1.00 15.51 -2.40
N GLN B 257 0.53 14.40 -1.84
CA GLN B 257 -0.24 13.42 -2.60
C GLN B 257 -1.36 12.76 -1.77
N ASP B 258 -2.12 13.61 -1.08
CA ASP B 258 -3.10 13.20 -0.09
C ASP B 258 -4.38 14.02 -0.27
N PRO B 259 -5.54 13.35 -0.46
CA PRO B 259 -6.77 14.11 -0.69
C PRO B 259 -7.18 14.96 0.51
N TYR B 260 -6.68 14.59 1.69
CA TYR B 260 -6.99 15.26 2.93
C TYR B 260 -5.89 16.23 3.39
N ALA B 261 -4.95 16.52 2.49
CA ALA B 261 -3.78 17.29 2.84
C ALA B 261 -4.15 18.70 3.25
N ALA B 262 -3.42 19.20 4.25
CA ALA B 262 -3.37 20.64 4.53
C ALA B 262 -2.28 21.29 3.67
N GLN B 263 -2.58 22.46 3.11
CA GLN B 263 -1.53 23.22 2.43
C GLN B 263 -0.36 23.53 3.37
N ALA B 264 -0.60 23.68 4.66
CA ALA B 264 0.52 23.89 5.58
C ALA B 264 1.54 22.77 5.50
N ASP B 265 1.04 21.54 5.44
CA ASP B 265 1.88 20.36 5.39
C ASP B 265 2.60 20.18 4.05
N SER B 266 1.86 20.39 2.95
CA SER B 266 2.46 20.22 1.64
C SER B 266 3.53 21.30 1.35
N GLU B 267 3.23 22.55 1.67
CA GLU B 267 4.22 23.64 1.65
C GLU B 267 5.42 23.34 2.54
N ASN B 268 5.15 22.85 3.73
CA ASN B 268 6.21 22.53 4.66
C ASN B 268 7.15 21.43 4.10
N PHE B 269 6.56 20.49 3.36
CA PHE B 269 7.36 19.43 2.77
C PHE B 269 8.29 19.96 1.64
N THR B 270 7.76 20.81 0.77
CA THR B 270 8.52 21.21 -0.40
C THR B 270 9.35 22.48 -0.16
N LYS B 271 9.01 23.27 0.86
CA LYS B 271 9.69 24.54 1.15
C LYS B 271 10.54 24.50 2.42
N GLY B 272 10.14 23.65 3.37
CA GLY B 272 10.86 23.47 4.61
C GLY B 272 12.29 23.01 4.42
N TRP B 273 13.18 23.55 5.25
CA TRP B 273 14.57 23.18 5.13
C TRP B 273 14.83 21.79 5.69
N PHE B 274 15.58 20.99 4.92
CA PHE B 274 15.83 19.59 5.32
C PHE B 274 16.52 19.55 6.68
N VAL B 275 17.58 20.34 6.83
CA VAL B 275 18.23 20.63 8.11
C VAL B 275 18.69 22.08 8.03
N GLU B 276 19.06 22.65 9.18
CA GLU B 276 19.56 24.03 9.22
C GLU B 276 20.73 24.29 8.24
N GLY B 277 21.57 23.28 8.04
CA GLY B 277 22.73 23.43 7.15
C GLY B 277 22.40 23.30 5.68
N MET B 278 21.12 23.13 5.36
CA MET B 278 20.68 22.89 3.98
C MET B 278 19.57 23.85 3.51
N PRO B 279 19.95 25.09 3.17
CA PRO B 279 19.01 26.09 2.66
C PRO B 279 18.15 25.50 1.54
N ASP B 280 16.85 25.77 1.59
CA ASP B 280 15.93 25.16 0.62
C ASP B 280 15.69 26.07 -0.58
N LEU B 281 15.90 25.55 -1.77
CA LEU B 281 15.73 26.32 -3.03
C LEU B 281 14.25 26.53 -3.34
N ASN B 282 13.89 27.79 -3.59
CA ASN B 282 12.53 28.16 -3.98
C ASN B 282 12.34 27.91 -5.48
N GLN B 283 11.90 26.70 -5.82
CA GLN B 283 11.76 26.31 -7.22
C GLN B 283 10.52 26.91 -7.88
N THR B 284 9.73 27.65 -7.12
CA THR B 284 8.59 28.36 -7.73
C THR B 284 9.07 29.66 -8.39
N ASN B 285 10.30 30.05 -8.09
CA ASN B 285 10.93 31.17 -8.80
C ASN B 285 11.46 30.62 -10.11
N PRO B 286 10.92 31.09 -11.25
CA PRO B 286 11.38 30.52 -12.53
C PRO B 286 12.88 30.60 -12.76
N LEU B 287 13.56 31.57 -12.15
CA LEU B 287 15.02 31.70 -12.29
C LEU B 287 15.74 30.53 -11.61
N VAL B 288 15.23 30.14 -10.43
CA VAL B 288 15.74 28.94 -9.71
C VAL B 288 15.45 27.67 -10.51
N ALA B 289 14.19 27.53 -10.96
CA ALA B 289 13.82 26.42 -11.85
C ALA B 289 14.73 26.32 -13.05
N ASN B 290 14.89 27.43 -13.79
CA ASN B 290 15.76 27.43 -14.97
C ASN B 290 17.19 27.08 -14.59
N TYR B 291 17.63 27.57 -13.45
CA TYR B 291 19.03 27.33 -13.05
C TYR B 291 19.32 25.84 -12.90
N LEU B 292 18.44 25.12 -12.21
CA LEU B 292 18.66 23.71 -11.91
C LEU B 292 18.55 22.85 -13.16
N ILE B 293 17.52 23.13 -13.96
CA ILE B 293 17.29 22.40 -15.20
C ILE B 293 18.51 22.54 -16.10
N GLN B 294 18.96 23.78 -16.31
CA GLN B 294 20.11 24.00 -17.16
C GLN B 294 21.37 23.38 -16.57
N ASN B 295 21.57 23.49 -15.27
CA ASN B 295 22.77 22.91 -14.64
C ASN B 295 22.85 21.38 -14.85
N ASN B 296 21.73 20.70 -14.62
CA ASN B 296 21.73 19.25 -14.79
C ASN B 296 21.89 18.85 -16.22
N ILE B 297 21.24 19.58 -17.14
CA ILE B 297 21.48 19.32 -18.55
C ILE B 297 22.96 19.55 -18.91
N TRP B 298 23.54 20.62 -18.40
CA TRP B 298 24.96 20.93 -18.58
C TRP B 298 25.85 19.77 -18.17
N TRP B 299 25.60 19.20 -16.99
CA TRP B 299 26.37 18.03 -16.55
C TRP B 299 26.20 16.83 -17.48
N ILE B 300 24.96 16.54 -17.90
CA ILE B 300 24.70 15.41 -18.78
C ILE B 300 25.48 15.58 -20.09
N GLU B 301 25.38 16.77 -20.68
CA GLU B 301 25.98 17.01 -22.01
C GLU B 301 27.53 17.06 -21.91
N TYR B 302 28.00 17.74 -20.88
CA TYR B 302 29.43 17.96 -20.64
C TYR B 302 30.15 16.69 -20.24
N ALA B 303 29.54 15.92 -19.33
CA ALA B 303 30.22 14.75 -18.78
C ALA B 303 29.82 13.43 -19.43
N GLY B 304 28.88 13.48 -20.36
CA GLY B 304 28.52 12.31 -21.14
C GLY B 304 27.83 11.27 -20.28
N LEU B 305 26.93 11.74 -19.42
CA LEU B 305 26.27 10.89 -18.42
C LEU B 305 25.24 9.97 -19.05
N SER B 306 25.02 8.81 -18.42
CA SER B 306 24.01 7.85 -18.87
C SER B 306 22.66 8.03 -18.15
N GLY B 307 22.62 8.94 -17.17
CA GLY B 307 21.38 9.17 -16.44
C GLY B 307 21.67 9.86 -15.12
N LEU B 308 20.64 10.05 -14.31
CA LEU B 308 20.77 10.73 -13.00
C LEU B 308 20.10 9.92 -11.92
N ARG B 309 20.62 10.08 -10.71
CA ARG B 309 19.93 9.69 -9.48
C ARG B 309 19.55 10.99 -8.77
N ILE B 310 18.27 11.18 -8.48
CA ILE B 310 17.79 12.46 -7.98
C ILE B 310 17.42 12.34 -6.50
N ASP B 311 18.16 13.11 -5.70
CA ASP B 311 18.07 13.05 -4.27
C ASP B 311 16.75 13.62 -3.77
N THR B 312 16.32 13.18 -2.60
CA THR B 312 15.25 13.86 -1.83
C THR B 312 14.11 14.29 -2.76
N TYR B 313 13.59 13.31 -3.50
CA TYR B 313 12.80 13.62 -4.68
C TYR B 313 11.59 14.55 -4.43
N GLY B 314 10.68 14.14 -3.56
CA GLY B 314 9.46 14.94 -3.34
C GLY B 314 9.63 16.18 -2.49
N TYR B 315 10.85 16.42 -1.97
CA TYR B 315 11.15 17.68 -1.27
C TYR B 315 11.26 18.87 -2.24
N SER B 316 11.28 18.59 -3.54
CA SER B 316 11.20 19.67 -4.54
C SER B 316 9.75 19.99 -4.88
N ASP B 317 9.52 21.22 -5.32
CA ASP B 317 8.19 21.67 -5.73
C ASP B 317 7.64 20.78 -6.84
N GLY B 318 6.40 20.31 -6.64
CA GLY B 318 5.78 19.32 -7.55
C GLY B 318 5.67 19.83 -8.98
N ALA B 319 5.20 21.07 -9.12
CA ALA B 319 5.11 21.67 -10.46
C ALA B 319 6.51 21.84 -11.11
N PHE B 320 7.48 22.30 -10.32
CA PHE B 320 8.86 22.32 -10.79
C PHE B 320 9.30 20.94 -11.26
N LEU B 321 9.03 19.90 -10.49
CA LEU B 321 9.42 18.56 -10.89
C LEU B 321 8.84 18.11 -12.25
N THR B 322 7.58 18.46 -12.51
CA THR B 322 6.94 18.15 -13.81
C THR B 322 7.73 18.77 -14.95
N GLU B 323 8.05 20.05 -14.80
CA GLU B 323 8.81 20.77 -15.82
C GLU B 323 10.27 20.31 -15.95
N TYR B 324 10.93 20.08 -14.80
CA TYR B 324 12.30 19.57 -14.80
C TYR B 324 12.37 18.23 -15.54
N THR B 325 11.50 17.31 -15.17
CA THR B 325 11.54 15.99 -15.79
C THR B 325 11.15 16.08 -17.27
N ARG B 326 10.18 16.92 -17.58
CA ARG B 326 9.82 17.22 -18.98
C ARG B 326 11.02 17.75 -19.80
N ARG B 327 11.68 18.80 -19.29
CA ARG B 327 12.84 19.38 -19.93
C ARG B 327 13.97 18.39 -20.19
N LEU B 328 14.33 17.63 -19.17
CA LEU B 328 15.39 16.65 -19.27
C LEU B 328 15.08 15.52 -20.24
N MET B 329 13.87 14.98 -20.17
CA MET B 329 13.46 13.90 -21.06
C MET B 329 13.27 14.36 -22.52
N ALA B 330 12.95 15.64 -22.68
CA ALA B 330 12.88 16.27 -24.02
C ALA B 330 14.26 16.31 -24.68
N GLU B 331 15.28 16.68 -23.91
CA GLU B 331 16.65 16.70 -24.41
C GLU B 331 17.14 15.30 -24.72
N TYR B 332 16.84 14.36 -23.82
CA TYR B 332 17.37 13.00 -23.88
C TYR B 332 16.25 11.97 -23.73
N PRO B 333 15.53 11.68 -24.83
CA PRO B 333 14.32 10.84 -24.73
C PRO B 333 14.55 9.41 -24.21
N ARG B 334 15.79 8.91 -24.28
CA ARG B 334 16.11 7.54 -23.86
C ARG B 334 16.86 7.50 -22.51
N LEU B 335 16.97 8.67 -21.88
CA LEU B 335 17.64 8.79 -20.59
C LEU B 335 16.87 8.01 -19.54
N ASN B 336 17.57 7.62 -18.46
CA ASN B 336 16.86 7.18 -17.29
C ASN B 336 17.26 8.11 -16.15
N MET B 337 16.31 8.41 -15.30
CA MET B 337 16.57 9.16 -14.07
C MET B 337 15.85 8.46 -12.95
N VAL B 338 16.54 8.22 -11.83
CA VAL B 338 15.91 7.48 -10.72
C VAL B 338 15.73 8.40 -9.51
N GLY B 339 14.47 8.65 -9.13
CA GLY B 339 14.18 9.50 -7.98
C GLY B 339 14.30 8.71 -6.69
N GLN B 340 14.83 9.37 -5.67
CA GLN B 340 14.85 8.80 -4.32
C GLN B 340 13.63 9.32 -3.54
N GLU B 341 12.55 8.56 -3.57
CA GLU B 341 11.41 8.82 -2.76
C GLU B 341 11.34 7.80 -1.64
N TRP B 342 11.87 8.19 -0.50
CA TRP B 342 12.05 7.21 0.55
C TRP B 342 10.77 6.95 1.33
N SER B 343 9.99 6.01 0.81
CA SER B 343 8.79 5.46 1.47
C SER B 343 8.74 3.99 1.19
N THR B 344 8.33 3.23 2.18
CA THR B 344 8.10 1.79 2.00
C THR B 344 6.66 1.47 1.51
N ARG B 345 5.88 2.52 1.21
CA ARG B 345 4.51 2.35 0.71
C ARG B 345 4.52 2.44 -0.81
N VAL B 346 4.18 1.32 -1.46
CA VAL B 346 4.13 1.31 -2.92
C VAL B 346 3.37 2.52 -3.51
N PRO B 347 2.14 2.83 -3.02
CA PRO B 347 1.45 3.97 -3.67
C PRO B 347 2.23 5.29 -3.64
N VAL B 348 3.00 5.51 -2.57
CA VAL B 348 3.70 6.80 -2.39
C VAL B 348 4.84 6.94 -3.39
N VAL B 349 5.54 5.85 -3.63
CA VAL B 349 6.62 5.81 -4.62
C VAL B 349 6.04 5.88 -6.06
N ALA B 350 5.03 5.06 -6.32
CA ALA B 350 4.44 4.91 -7.69
C ALA B 350 3.87 6.22 -8.23
N ARG B 351 3.42 7.10 -7.33
CA ARG B 351 2.85 8.39 -7.68
C ARG B 351 3.73 9.17 -8.68
N TRP B 352 5.04 9.01 -8.54
CA TRP B 352 6.00 9.83 -9.24
C TRP B 352 6.44 9.30 -10.59
N GLN B 353 6.13 8.05 -10.93
CA GLN B 353 6.73 7.46 -12.14
C GLN B 353 5.97 7.91 -13.39
N ARG B 354 6.72 8.27 -14.42
CA ARG B 354 6.17 8.64 -15.75
C ARG B 354 5.10 7.63 -16.14
N GLY B 355 3.95 8.15 -16.56
CA GLY B 355 2.84 7.31 -17.04
C GLY B 355 1.75 7.05 -16.02
N LYS B 356 1.99 7.46 -14.79
CA LYS B 356 1.05 7.22 -13.71
C LYS B 356 -0.19 8.11 -13.87
N ALA B 357 -1.36 7.51 -13.78
CA ALA B 357 -2.59 8.27 -13.73
C ALA B 357 -2.90 8.53 -12.25
N ASN B 358 -2.68 9.76 -11.82
CA ASN B 358 -2.88 10.17 -10.41
C ASN B 358 -4.25 10.77 -10.20
N PHE B 359 -4.78 10.57 -8.99
CA PHE B 359 -6.14 10.97 -8.62
C PHE B 359 -6.31 12.48 -8.75
N ASP B 360 -5.22 13.22 -8.54
CA ASP B 360 -5.22 14.69 -8.61
C ASP B 360 -4.73 15.24 -9.95
N GLY B 361 -4.50 14.34 -10.90
CA GLY B 361 -4.04 14.73 -12.23
C GLY B 361 -2.56 15.09 -12.30
N TYR B 362 -1.80 14.82 -11.24
CA TYR B 362 -0.37 15.13 -11.25
C TYR B 362 0.38 14.32 -12.34
N THR B 363 1.16 15.01 -13.17
CA THR B 363 1.92 14.35 -14.24
C THR B 363 3.42 14.52 -14.02
N SER B 364 4.14 13.44 -14.28
CA SER B 364 5.59 13.39 -14.08
C SER B 364 6.22 12.73 -15.31
N HIS B 365 7.47 13.08 -15.59
CA HIS B 365 8.21 12.45 -16.66
C HIS B 365 9.39 11.65 -16.13
N LEU B 366 9.39 11.43 -14.81
CA LEU B 366 10.44 10.62 -14.17
C LEU B 366 10.39 9.12 -14.52
N PRO B 367 11.41 8.61 -15.22
CA PRO B 367 11.35 7.20 -15.61
C PRO B 367 11.41 6.16 -14.51
N SER B 368 12.11 6.47 -13.42
CA SER B 368 12.44 5.44 -12.42
C SER B 368 12.41 6.00 -11.01
N LEU B 369 12.20 5.10 -10.05
CA LEU B 369 12.33 5.40 -8.60
C LEU B 369 13.06 4.25 -7.90
N MET B 370 13.60 4.57 -6.74
CA MET B 370 14.24 3.57 -5.88
C MET B 370 13.15 2.72 -5.25
N ASP B 371 13.31 1.40 -5.33
CA ASP B 371 12.27 0.51 -4.79
C ASP B 371 12.46 0.23 -3.30
N PHE B 372 12.29 1.26 -2.48
CA PHE B 372 12.29 1.09 -1.01
C PHE B 372 11.28 0.03 -0.52
N PRO B 373 10.04 0.02 -1.05
CA PRO B 373 9.07 -0.98 -0.56
C PRO B 373 9.58 -2.41 -0.70
N LEU B 374 10.15 -2.78 -1.85
CA LEU B 374 10.57 -4.16 -2.06
C LEU B 374 11.81 -4.49 -1.24
N VAL B 375 12.74 -3.54 -1.17
CA VAL B 375 13.97 -3.75 -0.37
C VAL B 375 13.56 -3.95 1.11
N ASP B 376 12.64 -3.12 1.57
CA ASP B 376 12.15 -3.23 2.94
C ASP B 376 11.52 -4.62 3.15
N ALA B 377 10.70 -5.06 2.20
CA ALA B 377 10.04 -6.38 2.30
C ALA B 377 11.05 -7.53 2.41
N MET B 378 12.07 -7.52 1.55
CA MET B 378 13.07 -8.59 1.59
C MET B 378 13.91 -8.50 2.90
N ARG B 379 14.25 -7.29 3.31
CA ARG B 379 15.05 -7.15 4.55
C ARG B 379 14.26 -7.64 5.76
N ASN B 380 12.95 -7.33 5.78
CA ASN B 380 12.03 -7.91 6.77
C ASN B 380 11.99 -9.44 6.76
N ALA B 381 11.87 -10.02 5.57
CA ALA B 381 11.82 -11.48 5.43
C ALA B 381 13.09 -12.12 5.97
N LEU B 382 14.23 -11.50 5.70
CA LEU B 382 15.50 -12.12 6.02
C LEU B 382 15.80 -11.96 7.51
N SER B 383 15.36 -10.86 8.09
CA SER B 383 15.57 -10.56 9.52
C SER B 383 14.55 -11.17 10.50
N LYS B 384 13.28 -11.21 10.10
CA LYS B 384 12.20 -11.67 10.97
C LYS B 384 12.23 -13.21 11.03
N THR B 385 13.32 -13.75 11.57
CA THR B 385 13.58 -15.21 11.57
C THR B 385 12.63 -16.00 12.47
N GLY B 386 11.93 -15.30 13.36
CA GLY B 386 10.93 -15.90 14.24
C GLY B 386 9.56 -16.02 13.58
N GLU B 387 9.40 -15.40 12.41
CA GLU B 387 8.16 -15.46 11.63
C GLU B 387 8.12 -16.67 10.72
N GLU B 388 6.97 -17.34 10.66
CA GLU B 388 6.83 -18.61 9.93
C GLU B 388 6.99 -18.42 8.41
N ASN B 389 6.63 -17.23 7.93
CA ASN B 389 6.49 -16.99 6.49
C ASN B 389 6.79 -15.56 6.08
N GLY B 390 7.91 -15.01 6.58
CA GLY B 390 8.27 -13.61 6.31
C GLY B 390 8.40 -13.29 4.82
N LEU B 391 8.79 -14.27 4.01
CA LEU B 391 8.87 -14.04 2.56
C LEU B 391 7.53 -13.65 1.93
N ASN B 392 6.43 -13.93 2.64
CA ASN B 392 5.11 -13.45 2.18
C ASN B 392 5.06 -11.94 1.92
N GLU B 393 5.81 -11.15 2.70
CA GLU B 393 5.88 -9.70 2.47
C GLU B 393 6.45 -9.35 1.12
N VAL B 394 7.44 -10.14 0.65
CA VAL B 394 8.09 -9.87 -0.63
C VAL B 394 7.10 -10.15 -1.78
N TYR B 395 6.50 -11.35 -1.72
CA TYR B 395 5.46 -11.78 -2.64
C TYR B 395 4.32 -10.76 -2.71
N GLU B 396 3.77 -10.37 -1.56
CA GLU B 396 2.64 -9.42 -1.63
C GLU B 396 3.07 -8.04 -2.16
N THR B 397 4.27 -7.59 -1.80
CA THR B 397 4.75 -6.29 -2.30
C THR B 397 4.89 -6.32 -3.82
N LEU B 398 5.53 -7.39 -4.32
CA LEU B 398 5.64 -7.61 -5.75
C LEU B 398 4.30 -7.62 -6.47
N SER B 399 3.28 -8.20 -5.83
CA SER B 399 1.94 -8.27 -6.42
C SER B 399 1.36 -6.87 -6.69
N LEU B 400 1.92 -5.85 -6.01
CA LEU B 400 1.46 -4.49 -6.18
C LEU B 400 2.12 -3.77 -7.37
N ASP B 401 2.88 -4.51 -8.21
CA ASP B 401 3.60 -3.89 -9.31
C ASP B 401 2.69 -3.23 -10.33
N TYR B 402 1.43 -3.65 -10.40
CA TYR B 402 0.46 -3.02 -11.31
C TYR B 402 0.27 -1.54 -10.96
N LEU B 403 0.65 -1.13 -9.74
CA LEU B 403 0.58 0.31 -9.38
C LEU B 403 1.60 1.20 -10.11
N TYR B 404 2.68 0.60 -10.60
CA TYR B 404 3.69 1.31 -11.34
C TYR B 404 3.43 1.19 -12.83
N PRO B 405 3.48 2.31 -13.55
CA PRO B 405 3.44 2.23 -15.01
C PRO B 405 4.53 1.35 -15.62
N GLU B 406 5.73 1.37 -15.03
CA GLU B 406 6.88 0.64 -15.61
C GLU B 406 7.72 0.01 -14.48
N PRO B 407 7.20 -1.04 -13.83
CA PRO B 407 7.89 -1.56 -12.63
C PRO B 407 9.29 -2.10 -12.95
N GLN B 408 9.47 -2.61 -14.18
CA GLN B 408 10.77 -3.16 -14.60
C GLN B 408 11.87 -2.10 -14.69
N ASN B 409 11.47 -0.83 -14.70
CA ASN B 409 12.42 0.28 -14.74
C ASN B 409 12.82 0.83 -13.36
N LEU B 410 12.22 0.27 -12.32
CA LEU B 410 12.54 0.71 -10.95
C LEU B 410 13.88 0.13 -10.56
N VAL B 411 14.57 0.83 -9.69
CA VAL B 411 15.86 0.39 -9.21
C VAL B 411 15.70 -0.35 -7.90
N LEU B 412 16.02 -1.63 -7.96
CA LEU B 412 16.06 -2.50 -6.77
C LEU B 412 17.50 -2.56 -6.28
N PHE B 413 17.69 -2.47 -4.97
CA PHE B 413 19.08 -2.34 -4.48
C PHE B 413 19.40 -3.28 -3.34
N GLY B 414 20.66 -3.69 -3.24
CA GLY B 414 21.09 -4.51 -2.13
C GLY B 414 21.18 -3.66 -0.88
N GLY B 415 21.45 -2.37 -1.07
CA GLY B 415 21.63 -1.44 0.03
C GLY B 415 22.16 -0.16 -0.57
N ASN B 416 22.51 0.78 0.30
CA ASN B 416 23.07 2.05 -0.10
C ASN B 416 23.71 2.73 1.11
N HIS B 417 24.13 3.96 0.91
CA HIS B 417 24.88 4.72 1.94
C HIS B 417 24.02 5.24 3.11
N ASP B 418 22.70 5.00 3.05
CA ASP B 418 21.78 5.52 4.07
C ASP B 418 21.17 4.42 4.94
N MET B 419 21.56 3.17 4.72
CA MET B 419 20.91 2.06 5.44
C MET B 419 21.95 1.03 5.85
N ALA B 420 21.52 0.13 6.73
CA ALA B 420 22.44 -0.86 7.28
C ALA B 420 23.03 -1.66 6.14
N ARG B 421 24.27 -2.11 6.36
CA ARG B 421 24.95 -2.92 5.38
C ARG B 421 24.17 -4.17 5.03
N MET B 422 24.07 -4.45 3.74
CA MET B 422 23.34 -5.63 3.23
C MET B 422 23.63 -6.93 4.04
N PHE B 423 24.91 -7.18 4.32
CA PHE B 423 25.25 -8.36 5.11
C PHE B 423 24.72 -8.30 6.54
N SER B 424 24.80 -7.12 7.16
CA SER B 424 24.25 -6.91 8.50
C SER B 424 22.72 -7.07 8.47
N ALA B 425 22.10 -6.59 7.40
CA ALA B 425 20.65 -6.71 7.23
C ALA B 425 20.21 -8.18 7.16
N ALA B 426 21.11 -9.05 6.70
CA ALA B 426 20.83 -10.49 6.60
C ALA B 426 21.23 -11.19 7.91
N GLY B 427 21.52 -10.43 8.95
CA GLY B 427 21.95 -11.02 10.25
C GLY B 427 23.31 -11.72 10.14
N GLU B 428 24.12 -11.27 9.21
CA GLU B 428 25.46 -11.86 8.91
C GLU B 428 25.37 -13.35 8.57
N ASP B 429 24.23 -13.75 8.02
CA ASP B 429 23.98 -15.12 7.65
C ASP B 429 24.29 -15.19 6.16
N PHE B 430 25.42 -15.83 5.82
CA PHE B 430 25.83 -15.93 4.41
C PHE B 430 24.76 -16.51 3.49
N ASP B 431 24.03 -17.51 4.02
CA ASP B 431 22.98 -18.19 3.25
C ASP B 431 21.82 -17.24 2.93
N ARG B 432 21.36 -16.49 3.94
CA ARG B 432 20.33 -15.49 3.70
C ARG B 432 20.81 -14.37 2.80
N TRP B 433 22.08 -13.98 2.95
CA TRP B 433 22.68 -12.97 2.09
C TRP B 433 22.61 -13.41 0.62
N ARG B 434 22.95 -14.68 0.35
CA ARG B 434 22.87 -15.27 -0.99
C ARG B 434 21.45 -15.16 -1.56
N MET B 435 20.46 -15.40 -0.72
CA MET B 435 19.07 -15.22 -1.14
C MET B 435 18.79 -13.79 -1.60
N ASN B 436 19.23 -12.81 -0.81
CA ASN B 436 19.08 -11.41 -1.16
C ASN B 436 19.79 -11.10 -2.49
N LEU B 437 21.01 -11.62 -2.65
CA LEU B 437 21.79 -11.37 -3.87
C LEU B 437 21.12 -11.97 -5.10
N VAL B 438 20.65 -13.22 -4.99
CA VAL B 438 19.95 -13.88 -6.09
C VAL B 438 18.70 -13.10 -6.48
N PHE B 439 17.95 -12.69 -5.44
CA PHE B 439 16.73 -11.88 -5.59
C PHE B 439 17.01 -10.61 -6.37
N LEU B 440 18.04 -9.89 -5.93
CA LEU B 440 18.45 -8.65 -6.57
C LEU B 440 18.77 -8.85 -8.05
N MET B 441 19.46 -9.95 -8.35
CA MET B 441 19.92 -10.19 -9.72
C MET B 441 18.91 -10.87 -10.64
N THR B 442 17.74 -11.25 -10.11
CA THR B 442 16.76 -11.98 -10.92
C THR B 442 15.40 -11.31 -11.01
N MET B 443 15.16 -10.32 -10.14
CA MET B 443 13.88 -9.59 -10.19
C MET B 443 13.70 -8.75 -11.48
N PRO B 444 12.44 -8.47 -11.90
CA PRO B 444 12.20 -7.57 -13.04
C PRO B 444 12.43 -6.11 -12.60
N ARG B 445 13.70 -5.75 -12.46
CA ARG B 445 14.11 -4.49 -11.92
C ARG B 445 15.47 -4.16 -12.52
N ILE B 446 15.89 -2.93 -12.31
CA ILE B 446 17.30 -2.56 -12.54
C ILE B 446 18.06 -2.72 -11.22
N PRO B 447 19.01 -3.68 -11.14
CA PRO B 447 19.68 -3.90 -9.84
C PRO B 447 20.78 -2.85 -9.59
N GLN B 448 20.86 -2.40 -8.33
CA GLN B 448 21.92 -1.52 -7.89
C GLN B 448 22.56 -2.18 -6.66
N PHE B 449 23.88 -2.05 -6.58
CA PHE B 449 24.67 -2.70 -5.56
C PHE B 449 25.54 -1.64 -4.91
N TYR B 450 25.76 -1.76 -3.60
CA TYR B 450 26.49 -0.76 -2.84
C TYR B 450 27.91 -1.23 -2.55
N SER B 451 28.88 -0.40 -2.95
CA SER B 451 30.31 -0.75 -2.87
C SER B 451 30.62 -1.25 -1.45
N GLY B 452 31.33 -2.36 -1.35
CA GLY B 452 31.69 -2.92 -0.03
C GLY B 452 30.82 -4.10 0.31
N ASP B 453 29.59 -4.13 -0.24
CA ASP B 453 28.74 -5.28 0.00
C ASP B 453 29.28 -6.57 -0.61
N GLU B 454 30.11 -6.45 -1.66
CA GLU B 454 30.64 -7.64 -2.32
C GLU B 454 31.68 -8.36 -1.46
N ILE B 455 32.14 -7.70 -0.39
CA ILE B 455 33.02 -8.37 0.60
C ILE B 455 32.42 -8.38 1.99
N LEU B 456 31.09 -8.31 2.03
CA LEU B 456 30.34 -8.51 3.25
C LEU B 456 30.72 -7.53 4.36
N MET B 457 30.93 -6.27 3.97
CA MET B 457 31.18 -5.24 4.98
C MET B 457 29.98 -5.14 5.90
N THR B 458 30.24 -4.82 7.18
CA THR B 458 29.15 -4.77 8.15
C THR B 458 28.96 -3.41 8.79
N SER B 459 27.82 -3.24 9.44
CA SER B 459 27.50 -1.97 10.08
C SER B 459 26.66 -2.25 11.31
N THR B 460 26.23 -1.18 11.96
CA THR B 460 25.14 -1.26 12.92
C THR B 460 23.84 -1.61 12.17
N VAL B 461 22.84 -2.07 12.91
CA VAL B 461 21.60 -2.54 12.28
C VAL B 461 20.40 -1.63 12.51
N LYS B 462 20.40 -0.91 13.62
CA LYS B 462 19.18 -0.19 14.02
C LYS B 462 19.28 1.29 13.79
N GLY B 463 18.12 1.91 13.53
CA GLY B 463 18.02 3.35 13.39
C GLY B 463 18.88 3.87 12.25
N ARG B 464 19.37 5.09 12.43
CA ARG B 464 20.17 5.75 11.39
C ARG B 464 21.56 6.03 11.93
N ASP B 465 22.56 5.51 11.25
CA ASP B 465 23.94 5.59 11.73
C ASP B 465 24.85 5.75 10.51
N ASP B 466 24.72 6.90 9.85
CA ASP B 466 25.38 7.16 8.58
C ASP B 466 26.83 6.69 8.51
N ALA B 467 27.62 7.08 9.52
CA ALA B 467 29.05 6.78 9.47
C ALA B 467 29.31 5.27 9.36
N SER B 468 28.45 4.47 9.99
CA SER B 468 28.61 3.01 10.01
C SER B 468 28.47 2.38 8.64
N TYR B 469 27.73 3.04 7.73
CA TYR B 469 27.42 2.47 6.42
C TYR B 469 28.46 2.84 5.37
N ARG B 470 29.45 3.63 5.79
CA ARG B 470 30.31 4.37 4.88
C ARG B 470 31.80 4.19 5.15
N ARG B 471 32.14 3.04 5.75
CA ARG B 471 33.54 2.71 6.02
C ARG B 471 34.38 2.62 4.74
N ASP B 472 35.64 3.04 4.85
CA ASP B 472 36.55 3.00 3.71
C ASP B 472 36.59 1.66 3.03
N PHE B 473 36.51 1.69 1.70
CA PHE B 473 36.68 0.46 0.95
C PHE B 473 38.09 -0.14 1.22
N PRO B 474 38.15 -1.44 1.58
CA PRO B 474 39.45 -2.07 1.88
C PRO B 474 40.28 -2.20 0.59
N GLY B 475 41.44 -1.54 0.59
CA GLY B 475 42.28 -1.50 -0.59
C GLY B 475 42.30 -0.12 -1.24
N GLY B 476 41.40 0.75 -0.80
CA GLY B 476 41.31 2.13 -1.34
C GLY B 476 42.44 3.07 -0.87
N TRP B 477 43.15 2.68 0.18
CA TRP B 477 44.20 3.54 0.73
C TRP B 477 45.52 2.79 0.80
N ALA B 478 46.61 3.52 0.53
CA ALA B 478 47.93 2.94 0.62
C ALA B 478 48.12 2.45 2.05
N GLY B 479 48.62 1.22 2.19
CA GLY B 479 48.90 0.65 3.51
C GLY B 479 47.81 -0.26 4.05
N ASP B 480 46.67 -0.34 3.36
CA ASP B 480 45.57 -1.21 3.79
C ASP B 480 45.99 -2.68 3.84
N LYS B 481 45.73 -3.34 4.97
CA LYS B 481 46.05 -4.77 5.16
C LYS B 481 44.96 -5.76 4.72
N ALA B 482 43.73 -5.27 4.53
CA ALA B 482 42.73 -6.02 3.77
C ALA B 482 42.51 -5.20 2.52
N ASN B 483 42.52 -5.87 1.38
CA ASN B 483 42.45 -5.20 0.08
C ASN B 483 41.56 -6.00 -0.85
N ALA B 484 40.33 -5.51 -1.09
CA ALA B 484 39.36 -6.24 -1.90
C ALA B 484 39.74 -6.25 -3.38
N PHE B 485 40.57 -5.29 -3.79
CA PHE B 485 40.97 -5.19 -5.21
C PHE B 485 41.92 -6.33 -5.60
N SER B 486 42.84 -6.66 -4.69
CA SER B 486 43.82 -7.72 -4.91
C SER B 486 43.43 -9.04 -4.25
N GLY B 487 42.60 -8.98 -3.21
CA GLY B 487 42.14 -10.17 -2.52
C GLY B 487 42.87 -10.43 -1.21
N ALA B 488 43.97 -9.70 -1.03
CA ALA B 488 44.78 -9.80 0.17
C ALA B 488 43.99 -9.53 1.45
N GLY B 489 44.04 -10.45 2.41
CA GLY B 489 43.43 -10.19 3.73
C GLY B 489 41.94 -10.47 3.82
N LEU B 490 41.32 -10.87 2.70
CA LEU B 490 39.91 -11.24 2.76
C LEU B 490 39.78 -12.62 3.40
N THR B 491 38.76 -12.81 4.21
CA THR B 491 38.43 -14.14 4.71
C THR B 491 37.92 -14.98 3.54
N SER B 492 37.94 -16.31 3.70
CA SER B 492 37.36 -17.21 2.71
C SER B 492 35.91 -16.82 2.37
N GLN B 493 35.13 -16.51 3.40
CA GLN B 493 33.73 -16.12 3.20
C GLN B 493 33.60 -14.82 2.44
N GLN B 494 34.42 -13.85 2.77
CA GLN B 494 34.38 -12.56 2.06
C GLN B 494 34.77 -12.72 0.61
N ARG B 495 35.79 -13.52 0.37
CA ARG B 495 36.19 -13.81 -1.01
C ARG B 495 35.09 -14.57 -1.79
N ALA B 496 34.42 -15.48 -1.11
CA ALA B 496 33.33 -16.25 -1.70
C ALA B 496 32.17 -15.32 -2.09
N ALA B 497 31.84 -14.38 -1.20
CA ALA B 497 30.85 -13.35 -1.52
C ALA B 497 31.22 -12.60 -2.79
N GLN B 498 32.49 -12.18 -2.86
CA GLN B 498 32.96 -11.39 -3.97
C GLN B 498 32.87 -12.18 -5.25
N ASP B 499 33.33 -13.43 -5.17
CA ASP B 499 33.28 -14.34 -6.31
C ASP B 499 31.84 -14.56 -6.82
N LEU B 500 30.89 -14.68 -5.86
CA LEU B 500 29.48 -14.87 -6.19
C LEU B 500 28.87 -13.63 -6.83
N VAL B 501 29.22 -12.45 -6.32
CA VAL B 501 28.78 -11.19 -6.97
C VAL B 501 29.27 -11.18 -8.44
N ARG B 502 30.56 -11.44 -8.63
CA ARG B 502 31.13 -11.48 -9.97
C ARG B 502 30.39 -12.51 -10.85
N LYS B 503 30.15 -13.71 -10.32
CA LYS B 503 29.52 -14.79 -11.08
C LYS B 503 28.10 -14.40 -11.51
N LEU B 504 27.31 -13.94 -10.54
CA LEU B 504 25.91 -13.58 -10.84
C LEU B 504 25.76 -12.34 -11.69
N ALA B 505 26.53 -11.28 -11.39
CA ALA B 505 26.43 -10.03 -12.19
C ALA B 505 26.81 -10.27 -13.65
N ASN B 506 27.92 -10.99 -13.87
CA ASN B 506 28.33 -11.26 -15.25
C ASN B 506 27.36 -12.17 -15.97
N TRP B 507 26.81 -13.13 -15.25
CA TRP B 507 25.77 -14.01 -15.78
C TRP B 507 24.53 -13.22 -16.18
N ARG B 508 24.10 -12.32 -15.29
CA ARG B 508 22.90 -11.50 -15.51
C ARG B 508 23.01 -10.69 -16.80
N LYS B 509 24.20 -10.15 -17.05
CA LYS B 509 24.48 -9.36 -18.27
C LYS B 509 24.01 -10.08 -19.53
N ASN B 510 24.15 -11.39 -19.51
CA ASN B 510 23.84 -12.25 -20.67
C ASN B 510 22.51 -13.04 -20.56
N GLN B 511 21.60 -12.52 -19.73
CA GLN B 511 20.28 -13.14 -19.56
C GLN B 511 19.15 -12.17 -19.89
N PRO B 512 18.84 -12.03 -21.19
CA PRO B 512 17.69 -11.23 -21.63
C PRO B 512 16.39 -11.56 -20.92
N VAL B 513 16.20 -12.83 -20.54
CA VAL B 513 14.96 -13.23 -19.82
C VAL B 513 14.83 -12.48 -18.48
N ILE B 514 15.95 -12.13 -17.86
CA ILE B 514 15.88 -11.35 -16.61
C ILE B 514 15.61 -9.86 -16.91
N HIS B 515 16.15 -9.37 -18.03
CA HIS B 515 15.96 -7.95 -18.43
C HIS B 515 14.53 -7.65 -18.87
N ASN B 516 13.88 -8.60 -19.53
CA ASN B 516 12.58 -8.28 -20.15
C ASN B 516 11.60 -9.43 -20.18
N GLY B 517 11.97 -10.55 -19.56
CA GLY B 517 11.10 -11.70 -19.44
C GLY B 517 9.91 -11.46 -18.53
N ARG B 518 8.95 -12.37 -18.57
CA ARG B 518 7.86 -12.33 -17.60
C ARG B 518 8.33 -12.84 -16.23
N LEU B 519 7.50 -12.56 -15.24
CA LEU B 519 7.69 -13.12 -13.89
C LEU B 519 6.39 -13.83 -13.54
N MET B 520 6.53 -15.06 -13.06
CA MET B 520 5.45 -15.72 -12.34
C MET B 520 6.02 -16.18 -11.03
N HIS B 521 5.41 -15.70 -9.94
CA HIS B 521 5.81 -16.17 -8.61
C HIS B 521 4.70 -16.97 -7.98
N PHE B 522 5.07 -17.76 -6.96
CA PHE B 522 4.12 -18.54 -6.20
C PHE B 522 4.05 -18.03 -4.77
N GLY B 523 2.87 -18.03 -4.18
CA GLY B 523 2.76 -17.60 -2.75
C GLY B 523 3.74 -18.39 -1.91
N PRO B 524 4.59 -17.71 -1.12
CA PRO B 524 5.49 -18.43 -0.20
C PRO B 524 4.73 -19.24 0.83
N GLU B 525 5.25 -20.42 1.15
CA GLU B 525 4.63 -21.28 2.15
C GLU B 525 5.69 -21.73 3.12
N GLU B 526 5.48 -21.39 4.40
CA GLU B 526 6.43 -21.72 5.45
C GLU B 526 7.84 -21.25 5.11
N ASN B 527 7.93 -20.02 4.60
CA ASN B 527 9.20 -19.37 4.30
C ASN B 527 10.03 -20.10 3.21
N THR B 528 9.31 -20.81 2.36
CA THR B 528 9.89 -21.27 1.08
C THR B 528 9.22 -20.45 -0.02
N TRP B 529 9.97 -20.15 -1.08
CA TRP B 529 9.48 -19.32 -2.15
C TRP B 529 10.06 -19.77 -3.49
N VAL B 530 9.16 -19.90 -4.47
CA VAL B 530 9.53 -20.28 -5.83
C VAL B 530 8.97 -19.26 -6.80
N TYR B 531 9.83 -18.81 -7.71
CA TYR B 531 9.40 -17.97 -8.81
C TYR B 531 10.21 -18.26 -10.06
N PHE B 532 9.70 -17.77 -11.19
CA PHE B 532 10.26 -18.04 -12.51
C PHE B 532 10.32 -16.72 -13.31
N ARG B 533 11.44 -16.53 -14.00
CA ARG B 533 11.51 -15.55 -15.08
C ARG B 533 11.40 -16.39 -16.35
N TYR B 534 10.61 -15.95 -17.32
CA TYR B 534 10.35 -16.81 -18.46
C TYR B 534 10.00 -16.04 -19.72
N ASN B 535 10.37 -16.63 -20.86
CA ASN B 535 9.94 -16.11 -22.18
C ASN B 535 10.03 -17.32 -23.12
N LYS B 536 9.86 -17.10 -24.42
CA LYS B 536 9.90 -18.23 -25.37
C LYS B 536 11.28 -18.93 -25.40
N ASP B 537 12.32 -18.21 -24.97
CA ASP B 537 13.70 -18.70 -25.06
C ASP B 537 14.18 -19.48 -23.82
N LYS B 538 13.73 -19.09 -22.64
CA LYS B 538 14.32 -19.61 -21.42
C LYS B 538 13.34 -19.49 -20.24
N ARG B 539 13.44 -20.43 -19.32
CA ARG B 539 12.91 -20.25 -17.95
C ARG B 539 14.09 -20.16 -16.99
N ILE B 540 13.98 -19.28 -15.99
CA ILE B 540 14.93 -19.34 -14.89
C ILE B 540 14.09 -19.50 -13.62
N MET B 541 14.29 -20.61 -12.93
CA MET B 541 13.58 -20.91 -11.73
C MET B 541 14.45 -20.46 -10.56
N VAL B 542 13.83 -19.75 -9.63
CA VAL B 542 14.51 -19.46 -8.36
C VAL B 542 13.70 -20.14 -7.26
N ALA B 543 14.35 -20.87 -6.37
CA ALA B 543 13.66 -21.42 -5.21
C ALA B 543 14.51 -21.20 -3.97
N MET B 544 13.87 -20.73 -2.92
CA MET B 544 14.61 -20.46 -1.69
C MET B 544 13.91 -21.04 -0.46
N ASN B 545 14.74 -21.52 0.46
CA ASN B 545 14.25 -22.13 1.67
C ASN B 545 14.79 -21.33 2.87
N ASN B 546 13.98 -20.38 3.32
CA ASN B 546 14.39 -19.48 4.40
C ASN B 546 14.04 -20.13 5.75
N ASN B 547 14.64 -21.28 5.99
CA ASN B 547 14.47 -22.08 7.23
C ASN B 547 15.76 -22.82 7.53
N ASP B 548 16.02 -23.09 8.80
CA ASP B 548 17.22 -23.84 9.18
C ASP B 548 16.98 -25.37 9.18
N LYS B 549 15.85 -25.78 8.60
CA LYS B 549 15.53 -27.19 8.41
C LYS B 549 15.31 -27.45 6.91
N PRO B 550 15.49 -28.70 6.45
CA PRO B 550 15.21 -28.97 5.05
C PRO B 550 13.72 -28.86 4.77
N MET B 551 13.39 -28.57 3.51
CA MET B 551 12.00 -28.53 3.11
C MET B 551 11.82 -29.29 1.84
N THR B 552 10.70 -29.99 1.74
CA THR B 552 10.38 -30.77 0.54
C THR B 552 9.08 -30.24 -0.02
N LEU B 553 9.17 -29.68 -1.23
CA LEU B 553 8.02 -29.06 -1.90
C LEU B 553 7.51 -29.92 -3.07
N PRO B 554 6.28 -30.47 -2.94
CA PRO B 554 5.72 -31.22 -4.09
C PRO B 554 5.73 -30.34 -5.34
N THR B 555 6.18 -30.89 -6.47
CA THR B 555 6.32 -30.06 -7.66
C THR B 555 5.06 -29.93 -8.54
N ALA B 556 4.02 -30.67 -8.20
CA ALA B 556 2.71 -30.52 -8.84
C ALA B 556 2.26 -29.07 -8.85
N ARG B 557 2.53 -28.40 -7.73
CA ARG B 557 2.13 -27.01 -7.56
C ARG B 557 2.62 -26.08 -8.67
N PHE B 558 3.82 -26.37 -9.19
CA PHE B 558 4.50 -25.44 -10.05
C PHE B 558 4.42 -25.86 -11.51
N GLN B 559 3.54 -26.81 -11.83
CA GLN B 559 3.52 -27.37 -13.19
C GLN B 559 3.19 -26.40 -14.32
N GLU B 560 2.50 -25.29 -14.03
CA GLU B 560 2.27 -24.31 -15.09
C GLU B 560 3.55 -23.66 -15.61
N MET B 561 4.59 -23.74 -14.79
CA MET B 561 5.91 -23.26 -15.16
C MET B 561 6.87 -24.40 -15.50
N LEU B 562 6.76 -25.52 -14.78
CA LEU B 562 7.72 -26.61 -14.92
C LEU B 562 7.39 -27.51 -16.09
N LYS B 563 6.09 -27.72 -16.32
CA LYS B 563 5.62 -28.54 -17.45
C LYS B 563 6.39 -29.88 -17.59
N GLY B 564 6.48 -30.60 -16.48
CA GLY B 564 7.09 -31.92 -16.47
C GLY B 564 8.60 -32.00 -16.45
N ALA B 565 9.30 -30.85 -16.33
CA ALA B 565 10.78 -30.88 -16.28
C ALA B 565 11.24 -31.85 -15.20
N PRO B 566 12.09 -32.84 -15.56
CA PRO B 566 12.46 -33.83 -14.56
C PRO B 566 13.51 -33.37 -13.55
N SER B 567 14.30 -32.38 -13.97
CA SER B 567 15.42 -31.91 -13.18
C SER B 567 15.99 -30.66 -13.85
N GLY B 568 16.93 -30.03 -13.17
CA GLY B 568 17.73 -28.95 -13.74
C GLY B 568 19.04 -28.84 -13.01
N VAL B 569 19.94 -28.00 -13.52
CA VAL B 569 21.20 -27.74 -12.83
C VAL B 569 21.09 -26.40 -12.14
N ASP B 570 21.46 -26.38 -10.86
CA ASP B 570 21.59 -25.15 -10.09
C ASP B 570 22.84 -24.40 -10.53
N PHE B 571 22.63 -23.23 -11.15
CA PHE B 571 23.74 -22.37 -11.55
C PHE B 571 24.72 -22.05 -10.41
N LEU B 572 24.21 -21.92 -9.19
CA LEU B 572 25.02 -21.48 -8.09
C LEU B 572 26.02 -22.55 -7.66
N SER B 573 25.50 -23.67 -7.19
CA SER B 573 26.34 -24.74 -6.64
C SER B 573 26.89 -25.61 -7.77
N GLY B 574 26.24 -25.53 -8.93
CA GLY B 574 26.45 -26.39 -10.07
C GLY B 574 25.90 -27.80 -9.87
N LYS B 575 25.17 -28.02 -8.76
CA LYS B 575 24.58 -29.34 -8.50
C LYS B 575 23.30 -29.59 -9.33
N THR B 576 22.99 -30.86 -9.61
CA THR B 576 21.72 -31.20 -10.24
C THR B 576 20.62 -31.14 -9.18
N VAL B 577 19.45 -30.69 -9.59
CA VAL B 577 18.30 -30.57 -8.67
C VAL B 577 17.09 -31.31 -9.24
N GLY B 578 16.61 -32.32 -8.52
CA GLY B 578 15.46 -33.11 -8.98
C GLY B 578 14.19 -32.27 -8.99
N LEU B 579 13.36 -32.43 -10.02
CA LEU B 579 12.10 -31.65 -10.11
C LEU B 579 10.86 -32.49 -10.42
N GLY B 580 11.05 -33.80 -10.60
CA GLY B 580 9.96 -34.67 -11.06
C GLY B 580 8.70 -34.74 -10.21
N ARG B 581 8.86 -34.97 -8.92
CA ARG B 581 7.73 -35.16 -8.00
C ARG B 581 7.84 -34.23 -6.79
N GLU B 582 9.08 -33.95 -6.38
CA GLU B 582 9.30 -33.09 -5.23
C GLU B 582 10.61 -32.33 -5.39
N LEU B 583 10.63 -31.13 -4.82
CA LEU B 583 11.81 -30.30 -4.81
C LEU B 583 12.34 -30.33 -3.39
N ARG B 584 13.52 -30.93 -3.21
CA ARG B 584 14.16 -31.01 -1.89
C ARG B 584 15.11 -29.85 -1.72
N LEU B 585 14.83 -28.98 -0.76
CA LEU B 585 15.70 -27.85 -0.50
C LEU B 585 16.42 -28.03 0.82
N ALA B 586 17.75 -27.93 0.78
CA ALA B 586 18.54 -27.94 2.02
C ALA B 586 18.20 -26.72 2.87
N PRO B 587 18.49 -26.78 4.19
CA PRO B 587 18.33 -25.58 5.01
C PRO B 587 18.98 -24.35 4.37
N LYS B 588 18.27 -23.22 4.40
CA LYS B 588 18.78 -21.91 3.98
C LYS B 588 19.38 -21.93 2.57
N SER B 589 18.81 -22.75 1.71
CA SER B 589 19.28 -22.87 0.34
C SER B 589 18.55 -21.90 -0.59
N VAL B 590 19.26 -21.49 -1.63
CA VAL B 590 18.63 -20.88 -2.79
C VAL B 590 19.25 -21.57 -4.01
N VAL B 591 18.40 -21.95 -4.95
CA VAL B 591 18.86 -22.50 -6.22
C VAL B 591 18.39 -21.62 -7.37
N VAL B 592 19.15 -21.64 -8.46
CA VAL B 592 18.82 -20.87 -9.68
C VAL B 592 18.97 -21.85 -10.85
N ILE B 593 17.86 -22.22 -11.46
CA ILE B 593 17.84 -23.36 -12.41
C ILE B 593 17.40 -22.85 -13.76
N GLU B 594 18.22 -23.09 -14.79
CA GLU B 594 17.93 -22.66 -16.15
C GLU B 594 17.29 -23.82 -16.88
N LEU B 595 16.22 -23.53 -17.61
CA LEU B 595 15.47 -24.55 -18.33
C LEU B 595 15.13 -23.96 -19.70
N PRO B 596 14.86 -24.83 -20.69
CA PRO B 596 14.55 -24.24 -22.00
C PRO B 596 13.20 -23.52 -21.95
N GLY B 597 12.96 -22.63 -22.90
CA GLY B 597 11.67 -21.91 -22.96
C GLY B 597 10.48 -22.84 -23.15
N LEU B 598 9.31 -22.39 -22.72
CA LEU B 598 8.08 -23.14 -22.91
C LEU B 598 7.57 -23.03 -24.36
N PRO B 599 6.90 -24.08 -24.87
CA PRO B 599 6.21 -23.98 -26.17
C PRO B 599 5.08 -22.94 -26.18
#